data_1ID3
#
_entry.id   1ID3
#
_cell.length_a   104.922
_cell.length_b   110.398
_cell.length_c   192.617
_cell.angle_alpha   90.00
_cell.angle_beta   90.00
_cell.angle_gamma   90.00
#
_symmetry.space_group_name_H-M   'P 21 21 21'
#
loop_
_entity.id
_entity.type
_entity.pdbx_description
1 polymer 'PALINDROMIC 146BP DNA FRAGMENT'
2 polymer 'HISTONE H3'
3 polymer 'HISTONE H4'
4 polymer 'HISTONE H2A.1'
5 polymer 'HISTONE H2B.2'
6 non-polymer 'MANGANESE (II) ION'
7 water water
#
loop_
_entity_poly.entity_id
_entity_poly.type
_entity_poly.pdbx_seq_one_letter_code
_entity_poly.pdbx_strand_id
1 'polydeoxyribonucleotide'
;(DA)(DT)(DC)(DA)(DA)(DT)(DA)(DT)(DC)(DC)(DA)(DC)(DC)(DT)(DG)(DC)(DA)(DG)(DA)(DT)
(DT)(DC)(DT)(DA)(DC)(DC)(DA)(DA)(DA)(DA)(DG)(DT)(DG)(DT)(DA)(DT)(DT)(DT)(DG)(DG)
(DA)(DA)(DA)(DC)(DT)(DG)(DC)(DT)(DC)(DC)(DA)(DT)(DC)(DA)(DA)(DA)(DA)(DG)(DG)(DC)
(DA)(DT)(DG)(DT)(DT)(DC)(DA)(DG)(DC)(DG)(DG)(DA)(DA)(DT)(DT)(DC)(DC)(DG)(DC)(DT)
(DG)(DA)(DA)(DC)(DA)(DT)(DG)(DC)(DC)(DT)(DT)(DT)(DT)(DG)(DA)(DT)(DG)(DG)(DA)(DG)
(DC)(DA)(DG)(DT)(DT)(DT)(DC)(DC)(DA)(DA)(DA)(DT)(DA)(DC)(DA)(DC)(DT)(DT)(DT)(DT)
(DG)(DG)(DT)(DA)(DG)(DA)(DA)(DT)(DC)(DT)(DG)(DC)(DA)(DG)(DG)(DT)(DG)(DG)(DA)(DT)
(DA)(DT)(DT)(DG)(DA)(DT)
;
I,J
2 'polypeptide(L)'
;ARTKQTARKSTGGKAPRKQLASKAARKSAPSTGGVKKPHRYKPGTVALREIRRFQKSTELLIRKLPFQRLVREIAQDFKT
DLRFQSSAIGALQESVEAYLVSLFEDTNLAAIHAKRVTIQKKEIKLARRLRGERS
;
A,E
3 'polypeptide(L)'
;SGRGKGGKGLGKGGAKRHRKILRDNIQGITKPAIRRLARRGGVKRISGLIYEEVRAVLKSFLESVIRDSVTYTEHAKRKT
VTSLDVVYALKRQGRTLYGFGG
;
B,F
4 'polypeptide(L)'
;SGGKGGKAGSAAKASQSRSAKAGLTFPVGRVHRLLRRGNYAQRIGSGAPVYLTAVLEYLAAEILELAGNAARDNKKTRII
PRHLQLAIRNDDELNKLLGNVTIAQGGVLPNIHQNLLPKKSAKATKASQEL
;
C,G
5 'polypeptide(L)'
;SSAAEKKPASKAPAEKKPAAKKTSTSVDGKKRSKVRKETYSSYIYKVLKQTHPDTGISQKSMSILNSFVNDIFERIATEA
SKLAAYNKKSTISAREIQTAVRLILPGELAKHAVSEGTRAVTKYSSSTQA
;
D,H
#
# COMPACT_ATOMS: atom_id res chain seq x y z
N PRO C 38 39.41 -39.51 -5.87
CA PRO C 38 39.22 -38.21 -5.19
C PRO C 38 38.28 -37.30 -5.98
N HIS C 39 36.99 -37.34 -5.65
CA HIS C 39 35.99 -36.54 -6.35
C HIS C 39 35.68 -35.24 -5.63
N ARG C 40 35.51 -34.16 -6.42
CA ARG C 40 35.23 -32.84 -5.87
C ARG C 40 34.54 -31.94 -6.91
N TYR C 41 33.45 -31.29 -6.51
CA TYR C 41 32.73 -30.40 -7.43
C TYR C 41 33.34 -29.01 -7.63
N LYS C 42 33.26 -28.50 -8.85
CA LYS C 42 33.78 -27.19 -9.18
C LYS C 42 33.13 -26.12 -8.30
N PRO C 43 33.89 -25.05 -7.96
CA PRO C 43 33.30 -24.01 -7.13
C PRO C 43 32.03 -23.55 -7.82
N GLY C 44 30.90 -23.70 -7.12
CA GLY C 44 29.63 -23.26 -7.65
C GLY C 44 28.76 -24.20 -8.46
N THR C 45 28.96 -25.50 -8.32
CA THR C 45 28.14 -26.45 -9.06
C THR C 45 27.07 -27.02 -8.17
N VAL C 46 27.35 -27.04 -6.88
CA VAL C 46 26.39 -27.54 -5.91
C VAL C 46 25.46 -26.39 -5.59
N ALA C 47 25.92 -25.18 -5.86
CA ALA C 47 25.12 -23.99 -5.62
C ALA C 47 23.80 -24.16 -6.35
N LEU C 48 23.89 -24.19 -7.68
CA LEU C 48 22.71 -24.33 -8.51
C LEU C 48 21.95 -25.59 -8.16
N ARG C 49 22.65 -26.70 -8.00
CA ARG C 49 21.96 -27.92 -7.62
C ARG C 49 21.04 -27.54 -6.47
N GLU C 50 21.57 -26.77 -5.50
CA GLU C 50 20.80 -26.32 -4.34
C GLU C 50 19.74 -25.29 -4.73
N ILE C 51 20.06 -24.37 -5.63
CA ILE C 51 19.06 -23.41 -6.03
C ILE C 51 17.89 -24.20 -6.57
N ARG C 52 18.14 -24.94 -7.64
CA ARG C 52 17.12 -25.75 -8.29
C ARG C 52 16.42 -26.64 -7.29
N ARG C 53 17.18 -27.22 -6.37
CA ARG C 53 16.61 -28.08 -5.35
C ARG C 53 15.64 -27.31 -4.47
N PHE C 54 16.04 -26.13 -4.03
CA PHE C 54 15.17 -25.38 -3.15
C PHE C 54 14.02 -24.63 -3.72
N GLN C 55 14.07 -24.29 -5.00
CA GLN C 55 12.94 -23.58 -5.59
C GLN C 55 11.80 -24.56 -5.88
N LYS C 56 12.12 -25.84 -6.01
CA LYS C 56 11.11 -26.86 -6.27
C LYS C 56 10.30 -27.09 -5.00
N SER C 57 10.94 -26.97 -3.84
CA SER C 57 10.23 -27.22 -2.58
C SER C 57 9.58 -25.96 -2.00
N THR C 58 8.85 -26.16 -0.90
CA THR C 58 8.16 -25.08 -0.20
C THR C 58 8.19 -25.33 1.30
N GLU C 59 9.16 -26.14 1.72
CA GLU C 59 9.38 -26.50 3.11
C GLU C 59 9.91 -25.24 3.76
N LEU C 60 9.61 -25.03 5.03
CA LEU C 60 10.14 -23.86 5.74
C LEU C 60 11.64 -24.11 5.84
N LEU C 61 12.45 -23.05 5.86
CA LEU C 61 13.90 -23.26 5.89
C LEU C 61 14.59 -22.95 7.22
N ILE C 62 13.88 -22.32 8.15
CA ILE C 62 14.47 -22.04 9.42
C ILE C 62 14.00 -23.10 10.40
N ARG C 63 14.96 -23.64 11.18
CA ARG C 63 14.65 -24.65 12.17
C ARG C 63 13.58 -23.99 13.05
N LYS C 64 12.58 -24.76 13.48
CA LYS C 64 11.50 -24.19 14.28
C LYS C 64 11.79 -23.71 15.69
N LEU C 65 12.46 -24.52 16.49
CA LEU C 65 12.75 -24.11 17.86
C LEU C 65 13.48 -22.77 17.88
N PRO C 66 14.64 -22.67 17.22
CA PRO C 66 15.40 -21.42 17.19
C PRO C 66 14.49 -20.25 16.91
N PHE C 67 13.74 -20.38 15.82
CA PHE C 67 12.82 -19.34 15.40
C PHE C 67 11.84 -19.03 16.52
N GLN C 68 11.22 -20.10 17.03
CA GLN C 68 10.26 -19.99 18.11
C GLN C 68 10.85 -19.16 19.24
N ARG C 69 12.05 -19.52 19.68
CA ARG C 69 12.71 -18.77 20.76
C ARG C 69 12.73 -17.28 20.43
N LEU C 70 13.43 -16.94 19.35
CA LEU C 70 13.56 -15.57 18.90
C LEU C 70 12.23 -14.82 18.90
N VAL C 71 11.19 -15.42 18.34
CA VAL C 71 9.90 -14.78 18.29
C VAL C 71 9.49 -14.38 19.70
N ARG C 72 9.75 -15.28 20.63
CA ARG C 72 9.39 -15.05 22.02
C ARG C 72 10.30 -14.02 22.64
N GLU C 73 11.59 -14.17 22.43
CA GLU C 73 12.58 -13.23 22.93
C GLU C 73 12.11 -11.83 22.51
N ILE C 74 11.75 -11.69 21.24
CA ILE C 74 11.32 -10.41 20.76
C ILE C 74 10.03 -9.90 21.39
N ALA C 75 9.04 -10.76 21.55
CA ALA C 75 7.76 -10.31 22.10
C ALA C 75 7.84 -9.91 23.58
N GLN C 76 8.85 -10.44 24.27
CA GLN C 76 9.05 -10.17 25.70
C GLN C 76 9.12 -8.67 25.92
N ASP C 77 9.82 -7.97 25.04
CA ASP C 77 9.98 -6.51 25.12
C ASP C 77 8.66 -5.77 25.01
N PHE C 78 7.59 -6.47 24.63
CA PHE C 78 6.31 -5.81 24.51
C PHE C 78 5.38 -6.20 25.64
N LYS C 79 5.44 -7.47 26.03
CA LYS C 79 4.62 -7.93 27.14
C LYS C 79 5.22 -9.22 27.66
N THR C 80 5.31 -9.32 28.98
CA THR C 80 5.89 -10.50 29.60
C THR C 80 4.84 -11.55 29.84
N ASP C 81 5.28 -12.78 30.04
CA ASP C 81 4.37 -13.88 30.30
C ASP C 81 3.30 -13.95 29.21
N LEU C 82 3.76 -13.99 27.96
CA LEU C 82 2.86 -14.07 26.82
C LEU C 82 2.86 -15.46 26.24
N ARG C 83 1.67 -15.98 25.98
CA ARG C 83 1.49 -17.31 25.39
C ARG C 83 1.24 -17.18 23.89
N PHE C 84 1.84 -18.07 23.11
CA PHE C 84 1.72 -18.06 21.65
C PHE C 84 1.00 -19.27 21.01
N GLN C 85 -0.11 -19.01 20.32
CA GLN C 85 -0.80 -20.07 19.62
C GLN C 85 0.24 -20.74 18.71
N SER C 86 0.09 -22.03 18.42
CA SER C 86 1.08 -22.66 17.56
C SER C 86 1.09 -21.90 16.25
N SER C 87 -0.04 -21.95 15.56
CA SER C 87 -0.23 -21.29 14.30
C SER C 87 0.26 -19.86 14.28
N ALA C 88 0.09 -19.13 15.37
CA ALA C 88 0.54 -17.72 15.42
C ALA C 88 2.02 -17.66 15.17
N ILE C 89 2.75 -18.71 15.56
CA ILE C 89 4.17 -18.72 15.30
C ILE C 89 4.34 -19.26 13.91
N GLY C 90 3.38 -20.05 13.46
CA GLY C 90 3.47 -20.58 12.11
C GLY C 90 3.35 -19.44 11.13
N ALA C 91 2.31 -18.62 11.34
CA ALA C 91 2.04 -17.45 10.51
C ALA C 91 3.30 -16.57 10.37
N LEU C 92 3.98 -16.35 11.48
CA LEU C 92 5.20 -15.54 11.49
C LEU C 92 6.31 -16.11 10.66
N GLN C 93 6.69 -17.35 10.94
CA GLN C 93 7.78 -17.93 10.17
C GLN C 93 7.47 -17.93 8.69
N GLU C 94 6.27 -18.38 8.36
CA GLU C 94 5.83 -18.43 6.97
C GLU C 94 6.03 -17.08 6.33
N SER C 95 5.45 -16.06 6.94
CA SER C 95 5.58 -14.74 6.38
C SER C 95 7.01 -14.20 6.44
N VAL C 96 7.67 -14.31 7.58
CA VAL C 96 9.03 -13.80 7.64
C VAL C 96 9.92 -14.42 6.57
N GLU C 97 9.89 -15.75 6.45
CA GLU C 97 10.68 -16.44 5.43
C GLU C 97 10.29 -15.90 4.05
N ALA C 98 8.99 -15.94 3.75
CA ALA C 98 8.54 -15.47 2.46
C ALA C 98 9.20 -14.12 2.16
N TYR C 99 9.16 -13.25 3.14
CA TYR C 99 9.73 -11.92 3.00
C TYR C 99 11.22 -11.99 2.69
N LEU C 100 11.95 -12.74 3.51
CA LEU C 100 13.39 -12.84 3.31
C LEU C 100 13.73 -13.40 1.96
N VAL C 101 12.99 -14.41 1.52
CA VAL C 101 13.25 -14.99 0.21
C VAL C 101 13.00 -13.94 -0.88
N SER C 102 11.87 -13.24 -0.76
CA SER C 102 11.52 -12.22 -1.73
C SER C 102 12.63 -11.17 -1.81
N LEU C 103 13.18 -10.78 -0.66
CA LEU C 103 14.25 -9.79 -0.60
C LEU C 103 15.53 -10.30 -1.21
N PHE C 104 15.81 -11.59 -1.05
CA PHE C 104 17.03 -12.14 -1.62
C PHE C 104 17.03 -12.08 -3.14
N GLU C 105 15.86 -12.23 -3.74
CA GLU C 105 15.76 -12.15 -5.19
C GLU C 105 16.14 -10.71 -5.58
N ASP C 106 15.50 -9.71 -4.96
CA ASP C 106 15.80 -8.31 -5.24
C ASP C 106 17.31 -8.01 -5.03
N THR C 107 17.86 -8.56 -3.95
CA THR C 107 19.27 -8.37 -3.62
C THR C 107 20.14 -8.90 -4.73
N ASN C 108 19.80 -10.08 -5.22
CA ASN C 108 20.56 -10.72 -6.28
C ASN C 108 20.50 -9.82 -7.52
N LEU C 109 19.33 -9.28 -7.81
CA LEU C 109 19.21 -8.41 -8.96
C LEU C 109 20.14 -7.24 -8.75
N ALA C 110 20.19 -6.76 -7.52
CA ALA C 110 21.05 -5.64 -7.21
C ALA C 110 22.48 -5.99 -7.59
N ALA C 111 22.91 -7.18 -7.19
CA ALA C 111 24.29 -7.62 -7.47
C ALA C 111 24.54 -7.77 -8.94
N ILE C 112 23.59 -8.33 -9.67
CA ILE C 112 23.80 -8.49 -11.08
C ILE C 112 23.88 -7.12 -11.76
N HIS C 113 23.34 -6.11 -11.12
CA HIS C 113 23.37 -4.79 -11.70
C HIS C 113 24.78 -4.22 -11.61
N ALA C 114 25.51 -4.67 -10.59
CA ALA C 114 26.86 -4.21 -10.34
C ALA C 114 27.82 -5.16 -11.05
N LYS C 115 27.28 -5.87 -12.02
CA LYS C 115 28.10 -6.79 -12.78
C LYS C 115 28.87 -7.74 -11.89
N ARG C 116 28.23 -8.15 -10.79
CA ARG C 116 28.78 -9.11 -9.84
C ARG C 116 27.81 -10.29 -9.77
N VAL C 117 28.17 -11.32 -9.01
CA VAL C 117 27.28 -12.46 -8.88
C VAL C 117 27.27 -12.88 -7.43
N THR C 118 27.86 -12.04 -6.59
CA THR C 118 27.90 -12.34 -5.17
C THR C 118 27.10 -11.26 -4.45
N ILE C 119 26.14 -11.65 -3.62
CA ILE C 119 25.36 -10.65 -2.92
C ILE C 119 26.13 -10.12 -1.73
N GLN C 120 26.42 -8.82 -1.72
CA GLN C 120 27.14 -8.22 -0.61
C GLN C 120 26.18 -7.46 0.30
N LYS C 121 26.67 -7.01 1.43
CA LYS C 121 25.85 -6.26 2.38
C LYS C 121 25.28 -5.07 1.63
N LYS C 122 26.14 -4.41 0.87
CA LYS C 122 25.71 -3.25 0.13
C LYS C 122 24.51 -3.55 -0.76
N GLU C 123 24.28 -4.83 -1.05
CA GLU C 123 23.19 -5.28 -1.90
C GLU C 123 21.86 -5.21 -1.17
N ILE C 124 21.74 -6.02 -0.12
CA ILE C 124 20.56 -5.99 0.71
C ILE C 124 20.19 -4.52 0.96
N LYS C 125 21.20 -3.72 1.27
CA LYS C 125 21.01 -2.28 1.54
C LYS C 125 20.27 -1.54 0.45
N LEU C 126 20.73 -1.66 -0.79
CA LEU C 126 20.07 -0.96 -1.87
C LEU C 126 18.70 -1.58 -2.09
N ALA C 127 18.62 -2.91 -2.05
CA ALA C 127 17.36 -3.60 -2.26
C ALA C 127 16.29 -3.05 -1.34
N ARG C 128 16.67 -2.80 -0.11
CA ARG C 128 15.72 -2.29 0.84
C ARG C 128 15.43 -0.85 0.60
N ARG C 129 16.47 -0.06 0.38
CA ARG C 129 16.26 1.36 0.14
C ARG C 129 15.29 1.55 -1.02
N LEU C 130 15.37 0.69 -2.04
CA LEU C 130 14.46 0.83 -3.16
C LEU C 130 13.22 -0.04 -2.92
N ARG C 131 12.60 0.16 -1.77
CA ARG C 131 11.42 -0.61 -1.40
C ARG C 131 10.73 0.15 -0.28
N GLY C 132 11.42 1.13 0.29
CA GLY C 132 10.82 1.92 1.34
C GLY C 132 11.30 1.58 2.73
N GLU C 133 11.53 0.31 2.99
CA GLU C 133 11.98 -0.09 4.31
C GLU C 133 13.04 0.85 4.89
N ARG C 134 12.61 1.76 5.75
CA ARG C 134 13.52 2.71 6.38
C ARG C 134 13.02 3.07 7.77
N ASP D 24 22.83 -16.03 22.22
CA ASP D 24 22.00 -15.19 21.31
C ASP D 24 21.03 -16.08 20.51
N ASN D 25 19.74 -15.81 20.65
CA ASN D 25 18.74 -16.59 19.93
C ASN D 25 18.68 -16.17 18.48
N ILE D 26 18.84 -14.88 18.22
CA ILE D 26 18.84 -14.36 16.85
C ILE D 26 20.02 -15.01 16.16
N GLN D 27 20.97 -15.47 16.96
CA GLN D 27 22.14 -16.13 16.41
C GLN D 27 21.72 -17.53 16.01
N GLY D 28 20.61 -17.98 16.59
CA GLY D 28 20.08 -19.29 16.30
C GLY D 28 19.69 -19.46 14.85
N ILE D 29 19.48 -18.33 14.17
CA ILE D 29 19.13 -18.38 12.76
C ILE D 29 20.46 -18.71 12.11
N THR D 30 20.78 -20.00 12.10
CA THR D 30 22.01 -20.56 11.57
C THR D 30 22.50 -20.01 10.22
N LYS D 31 23.80 -20.12 10.00
CA LYS D 31 24.38 -19.64 8.74
C LYS D 31 23.76 -20.39 7.57
N PRO D 32 23.36 -21.67 7.78
CA PRO D 32 22.75 -22.49 6.72
C PRO D 32 21.35 -22.00 6.31
N ALA D 33 20.48 -21.80 7.27
CA ALA D 33 19.14 -21.32 6.99
C ALA D 33 19.24 -20.05 6.13
N ILE D 34 20.06 -19.08 6.52
CA ILE D 34 20.19 -17.87 5.71
C ILE D 34 20.54 -18.34 4.31
N ARG D 35 21.50 -19.25 4.23
CA ARG D 35 21.95 -19.78 2.96
C ARG D 35 20.80 -20.35 2.15
N ARG D 36 20.02 -21.23 2.77
CA ARG D 36 18.89 -21.84 2.07
C ARG D 36 17.94 -20.80 1.48
N LEU D 37 17.32 -19.99 2.34
CA LEU D 37 16.42 -18.95 1.88
C LEU D 37 17.05 -18.29 0.67
N ALA D 38 18.29 -17.86 0.80
CA ALA D 38 18.97 -17.18 -0.29
C ALA D 38 19.08 -18.04 -1.56
N ARG D 39 18.94 -19.36 -1.42
CA ARG D 39 19.00 -20.25 -2.57
C ARG D 39 17.65 -20.14 -3.25
N ARG D 40 16.60 -20.44 -2.48
CA ARG D 40 15.25 -20.34 -2.97
C ARG D 40 15.15 -18.97 -3.59
N GLY D 41 15.83 -18.01 -2.97
CA GLY D 41 15.81 -16.66 -3.47
C GLY D 41 16.53 -16.55 -4.80
N GLY D 42 17.28 -17.58 -5.16
CA GLY D 42 17.99 -17.53 -6.42
C GLY D 42 19.45 -17.10 -6.34
N VAL D 43 19.93 -16.81 -5.14
CA VAL D 43 21.31 -16.39 -4.93
C VAL D 43 22.28 -17.54 -5.18
N LYS D 44 23.40 -17.26 -5.84
CA LYS D 44 24.40 -18.28 -6.12
C LYS D 44 25.63 -18.17 -5.21
N ARG D 45 26.15 -16.97 -5.07
CA ARG D 45 27.34 -16.73 -4.24
C ARG D 45 27.04 -15.69 -3.17
N ILE D 46 27.18 -16.09 -1.90
CA ILE D 46 26.92 -15.24 -0.73
C ILE D 46 28.14 -14.73 0.05
N SER D 47 28.38 -13.42 0.00
CA SER D 47 29.49 -12.79 0.74
C SER D 47 29.37 -12.99 2.25
N GLY D 48 30.50 -12.95 2.94
CA GLY D 48 30.50 -13.18 4.38
C GLY D 48 29.65 -12.31 5.29
N LEU D 49 29.51 -11.05 4.93
CA LEU D 49 28.76 -10.12 5.75
C LEU D 49 27.26 -10.38 5.72
N ILE D 50 26.76 -10.82 4.57
CA ILE D 50 25.35 -11.09 4.41
C ILE D 50 24.69 -11.74 5.60
N TYR D 51 25.38 -12.69 6.20
CA TYR D 51 24.78 -13.40 7.31
C TYR D 51 24.29 -12.53 8.46
N GLU D 52 25.19 -11.77 9.09
CA GLU D 52 24.73 -10.94 10.20
C GLU D 52 23.74 -9.87 9.71
N GLU D 53 23.89 -9.46 8.46
CA GLU D 53 22.99 -8.46 7.87
C GLU D 53 21.57 -9.05 7.84
N VAL D 54 21.46 -10.21 7.19
CA VAL D 54 20.18 -10.87 7.09
C VAL D 54 19.59 -10.97 8.46
N ARG D 55 20.40 -11.30 9.46
CA ARG D 55 19.80 -11.41 10.79
C ARG D 55 19.19 -10.08 11.19
N ALA D 56 19.91 -9.01 10.91
CA ALA D 56 19.43 -7.66 11.24
C ALA D 56 18.03 -7.47 10.65
N VAL D 57 17.94 -7.59 9.32
CA VAL D 57 16.68 -7.46 8.63
C VAL D 57 15.62 -8.29 9.35
N LEU D 58 15.84 -9.59 9.40
CA LEU D 58 14.91 -10.49 10.05
C LEU D 58 14.37 -10.00 11.39
N LYS D 59 15.24 -9.61 12.31
CA LYS D 59 14.76 -9.16 13.60
C LYS D 59 13.88 -7.94 13.39
N SER D 60 14.44 -6.93 12.73
CA SER D 60 13.70 -5.71 12.47
C SER D 60 12.30 -5.97 11.90
N PHE D 61 12.14 -7.07 11.14
CA PHE D 61 10.85 -7.43 10.55
C PHE D 61 10.01 -7.98 11.71
N LEU D 62 10.38 -9.14 12.24
CA LEU D 62 9.64 -9.72 13.34
C LEU D 62 9.14 -8.68 14.37
N GLU D 63 9.99 -7.72 14.69
CA GLU D 63 9.64 -6.68 15.67
C GLU D 63 8.44 -5.88 15.21
N SER D 64 8.57 -5.25 14.05
CA SER D 64 7.49 -4.46 13.52
C SER D 64 6.18 -5.28 13.49
N VAL D 65 6.27 -6.53 13.08
CA VAL D 65 5.07 -7.37 13.05
C VAL D 65 4.54 -7.71 14.44
N ILE D 66 5.39 -8.30 15.30
CA ILE D 66 4.91 -8.63 16.64
C ILE D 66 4.40 -7.41 17.43
N ARG D 67 5.09 -6.26 17.39
CA ARG D 67 4.56 -5.13 18.13
C ARG D 67 3.08 -5.01 17.78
N ASP D 68 2.80 -4.84 16.49
CA ASP D 68 1.43 -4.73 16.00
C ASP D 68 0.64 -5.91 16.49
N SER D 69 1.17 -7.11 16.29
CA SER D 69 0.47 -8.31 16.72
C SER D 69 0.04 -8.23 18.18
N VAL D 70 1.01 -8.19 19.08
CA VAL D 70 0.71 -8.13 20.50
C VAL D 70 -0.28 -7.03 20.86
N THR D 71 -0.16 -5.86 20.23
CA THR D 71 -1.10 -4.78 20.54
C THR D 71 -2.52 -5.29 20.35
N TYR D 72 -2.74 -6.10 19.31
CA TYR D 72 -4.08 -6.65 19.11
C TYR D 72 -4.40 -7.55 20.27
N THR D 73 -3.37 -8.25 20.75
CA THR D 73 -3.54 -9.17 21.88
C THR D 73 -4.05 -8.45 23.14
N GLU D 74 -3.36 -7.37 23.53
CA GLU D 74 -3.75 -6.61 24.71
C GLU D 74 -5.11 -5.98 24.53
N HIS D 75 -5.48 -5.63 23.31
CA HIS D 75 -6.79 -5.04 23.15
C HIS D 75 -7.85 -6.10 23.40
N ALA D 76 -7.61 -7.29 22.86
CA ALA D 76 -8.54 -8.39 23.03
C ALA D 76 -8.37 -8.95 24.45
N LYS D 77 -7.75 -8.15 25.31
CA LYS D 77 -7.54 -8.52 26.69
C LYS D 77 -7.17 -9.98 26.95
N ARG D 78 -6.30 -10.57 26.12
CA ARG D 78 -5.87 -11.96 26.26
C ARG D 78 -4.42 -12.06 26.69
N LYS D 79 -3.94 -13.26 27.01
CA LYS D 79 -2.53 -13.43 27.41
C LYS D 79 -1.82 -14.18 26.30
N THR D 80 -2.61 -14.86 25.47
CA THR D 80 -2.08 -15.65 24.35
C THR D 80 -2.17 -14.87 23.05
N VAL D 81 -1.20 -15.11 22.18
CA VAL D 81 -1.15 -14.46 20.89
C VAL D 81 -1.67 -15.41 19.82
N THR D 82 -2.92 -15.17 19.39
CA THR D 82 -3.61 -15.96 18.38
C THR D 82 -2.95 -15.84 17.00
N SER D 83 -3.26 -16.78 16.12
CA SER D 83 -2.74 -16.76 14.77
C SER D 83 -3.37 -15.56 14.05
N LEU D 84 -4.66 -15.32 14.29
CA LEU D 84 -5.32 -14.20 13.63
C LEU D 84 -4.84 -12.87 14.15
N ASP D 85 -3.99 -12.89 15.16
CA ASP D 85 -3.44 -11.63 15.68
C ASP D 85 -2.27 -11.25 14.79
N VAL D 86 -1.48 -12.25 14.40
CA VAL D 86 -0.33 -12.07 13.52
C VAL D 86 -0.86 -11.59 12.19
N VAL D 87 -1.90 -12.31 11.79
CA VAL D 87 -2.57 -12.09 10.53
C VAL D 87 -3.05 -10.69 10.33
N TYR D 88 -3.68 -10.10 11.32
CA TYR D 88 -4.17 -8.74 11.14
C TYR D 88 -2.99 -7.80 11.12
N ALA D 89 -2.00 -8.09 11.94
CA ALA D 89 -0.81 -7.26 12.01
C ALA D 89 -0.25 -7.22 10.60
N LEU D 90 0.07 -8.41 10.10
CA LEU D 90 0.60 -8.53 8.78
C LEU D 90 -0.28 -7.81 7.77
N LYS D 91 -1.58 -7.79 8.00
CA LYS D 91 -2.43 -7.17 7.01
C LYS D 91 -2.28 -5.66 6.97
N ARG D 92 -2.19 -5.04 8.14
CA ARG D 92 -2.09 -3.60 8.18
C ARG D 92 -0.72 -3.14 7.75
N GLN D 93 0.21 -4.07 7.61
CA GLN D 93 1.54 -3.72 7.18
C GLN D 93 1.58 -3.84 5.67
N GLY D 94 0.48 -4.31 5.09
CA GLY D 94 0.44 -4.51 3.65
C GLY D 94 1.16 -5.79 3.29
N ARG D 95 1.14 -6.76 4.19
CA ARG D 95 1.81 -8.02 3.95
C ARG D 95 0.86 -9.22 4.01
N THR D 96 -0.41 -9.01 3.66
CA THR D 96 -1.48 -10.03 3.63
C THR D 96 -1.10 -11.50 3.52
N LEU D 97 -1.62 -12.33 4.42
CA LEU D 97 -1.28 -13.76 4.39
C LEU D 97 -2.46 -14.77 4.30
N TYR D 98 -2.32 -15.75 3.40
CA TYR D 98 -3.34 -16.75 3.23
C TYR D 98 -2.85 -18.08 3.74
N GLY D 99 -3.69 -18.77 4.49
CA GLY D 99 -3.27 -20.07 4.98
C GLY D 99 -3.43 -20.26 6.46
N PHE D 100 -3.86 -19.23 7.17
CA PHE D 100 -4.04 -19.33 8.62
C PHE D 100 -5.27 -18.65 9.14
N GLY D 101 -6.31 -18.51 8.33
CA GLY D 101 -7.52 -17.87 8.80
C GLY D 101 -7.68 -16.44 8.33
N GLY D 102 -8.75 -15.78 8.77
CA GLY D 102 -8.95 -14.40 8.32
C GLY D 102 -9.30 -14.35 6.84
N GLN E 16 -22.12 25.48 27.69
CA GLN E 16 -20.68 25.15 27.44
C GLN E 16 -20.60 24.00 26.43
N SER E 17 -19.63 24.07 25.50
CA SER E 17 -19.47 23.02 24.48
C SER E 17 -18.51 21.91 24.92
N ARG E 18 -18.75 20.70 24.43
CA ARG E 18 -17.90 19.56 24.76
C ARG E 18 -16.44 19.89 24.50
N SER E 19 -16.20 20.66 23.44
CA SER E 19 -14.86 21.08 23.08
C SER E 19 -14.31 21.76 24.32
N ALA E 20 -15.09 22.71 24.82
CA ALA E 20 -14.75 23.47 26.01
C ALA E 20 -14.65 22.53 27.20
N LYS E 21 -15.70 21.74 27.40
CA LYS E 21 -15.75 20.79 28.50
C LYS E 21 -14.60 19.78 28.45
N ALA E 22 -13.67 19.98 27.52
CA ALA E 22 -12.55 19.05 27.38
C ALA E 22 -11.21 19.76 27.21
N GLY E 23 -11.26 21.07 27.01
CA GLY E 23 -10.03 21.83 26.85
C GLY E 23 -9.55 21.79 25.41
N LEU E 24 -10.42 21.33 24.52
CA LEU E 24 -10.06 21.23 23.11
C LEU E 24 -10.58 22.41 22.32
N THR E 25 -9.87 22.75 21.25
CA THR E 25 -10.27 23.83 20.40
C THR E 25 -10.85 23.17 19.17
N PHE E 26 -10.65 21.87 19.04
CA PHE E 26 -11.22 21.17 17.89
C PHE E 26 -12.66 20.76 18.18
N PRO E 27 -13.53 20.86 17.17
CA PRO E 27 -14.94 20.52 17.29
C PRO E 27 -15.26 19.09 17.71
N VAL E 28 -15.36 18.88 19.01
CA VAL E 28 -15.72 17.57 19.52
C VAL E 28 -17.10 17.20 18.97
N GLY E 29 -17.99 18.18 18.90
CA GLY E 29 -19.32 17.95 18.39
C GLY E 29 -19.20 17.31 17.04
N ARG E 30 -18.57 18.04 16.12
CA ARG E 30 -18.34 17.60 14.75
C ARG E 30 -17.86 16.17 14.69
N VAL E 31 -16.65 15.95 15.16
CA VAL E 31 -16.08 14.64 15.15
C VAL E 31 -17.05 13.56 15.60
N HIS E 32 -17.84 13.85 16.62
CA HIS E 32 -18.79 12.84 17.08
C HIS E 32 -19.72 12.48 15.91
N ARG E 33 -20.30 13.50 15.27
CA ARG E 33 -21.20 13.28 14.15
C ARG E 33 -20.48 12.54 13.03
N LEU E 34 -19.42 13.13 12.49
CA LEU E 34 -18.61 12.49 11.44
C LEU E 34 -18.47 11.01 11.69
N LEU E 35 -18.10 10.66 12.92
CA LEU E 35 -17.94 9.27 13.28
C LEU E 35 -19.24 8.49 13.11
N ARG E 36 -20.37 9.10 13.47
CA ARG E 36 -21.67 8.43 13.34
C ARG E 36 -22.03 8.24 11.87
N ARG E 37 -22.15 9.34 11.16
CA ARG E 37 -22.47 9.30 9.74
C ARG E 37 -21.19 9.02 8.99
N GLY E 38 -20.45 8.02 9.44
CA GLY E 38 -19.20 7.69 8.79
C GLY E 38 -19.07 6.20 8.56
N ASN E 39 -19.94 5.42 9.22
CA ASN E 39 -19.93 3.97 9.07
C ASN E 39 -18.63 3.33 9.57
N TYR E 40 -18.49 3.22 10.89
CA TYR E 40 -17.32 2.61 11.47
C TYR E 40 -17.72 1.52 12.48
N ALA E 41 -18.79 1.79 13.22
CA ALA E 41 -19.30 0.84 14.19
C ALA E 41 -20.79 1.04 14.28
N GLN E 42 -21.50 0.07 14.86
CA GLN E 42 -22.95 0.19 15.00
C GLN E 42 -23.22 1.41 15.88
N ARG E 43 -22.55 1.43 17.04
CA ARG E 43 -22.66 2.48 18.03
C ARG E 43 -21.32 3.18 18.21
N ILE E 44 -21.33 4.35 18.83
CA ILE E 44 -20.12 5.14 19.06
C ILE E 44 -20.03 5.63 20.50
N GLY E 45 -19.12 5.03 21.24
CA GLY E 45 -18.93 5.44 22.62
C GLY E 45 -18.91 6.94 22.75
N SER E 46 -19.52 7.44 23.83
CA SER E 46 -19.59 8.87 24.10
C SER E 46 -18.24 9.55 24.27
N GLY E 47 -17.28 8.82 24.83
CA GLY E 47 -15.96 9.39 25.08
C GLY E 47 -15.01 9.35 23.90
N ALA E 48 -15.25 8.40 23.01
CA ALA E 48 -14.43 8.23 21.81
C ALA E 48 -14.23 9.53 21.06
N PRO E 49 -15.32 10.18 20.63
CA PRO E 49 -15.18 11.44 19.90
C PRO E 49 -14.33 12.46 20.62
N VAL E 50 -14.33 12.43 21.94
CA VAL E 50 -13.51 13.37 22.70
C VAL E 50 -12.07 12.97 22.46
N TYR E 51 -11.73 11.77 22.91
CA TYR E 51 -10.40 11.18 22.77
C TYR E 51 -9.78 11.38 21.39
N LEU E 52 -10.60 11.31 20.34
CA LEU E 52 -10.11 11.49 18.98
C LEU E 52 -9.86 12.96 18.69
N THR E 53 -10.81 13.81 19.02
CA THR E 53 -10.62 15.23 18.75
C THR E 53 -9.35 15.72 19.41
N ALA E 54 -9.00 15.13 20.54
CA ALA E 54 -7.79 15.54 21.23
C ALA E 54 -6.58 15.07 20.42
N VAL E 55 -6.59 13.81 20.01
CA VAL E 55 -5.52 13.25 19.22
C VAL E 55 -5.38 14.06 17.93
N LEU E 56 -6.49 14.42 17.30
CA LEU E 56 -6.40 15.19 16.07
C LEU E 56 -5.86 16.61 16.29
N GLU E 57 -6.22 17.24 17.41
CA GLU E 57 -5.74 18.59 17.70
C GLU E 57 -4.23 18.52 17.88
N TYR E 58 -3.81 17.64 18.76
CA TYR E 58 -2.40 17.44 19.02
C TYR E 58 -1.56 17.45 17.75
N LEU E 59 -1.82 16.48 16.89
CA LEU E 59 -1.10 16.35 15.63
C LEU E 59 -1.08 17.65 14.83
N ALA E 60 -2.25 18.27 14.71
CA ALA E 60 -2.37 19.53 13.97
C ALA E 60 -1.39 20.55 14.51
N ALA E 61 -1.26 20.57 15.83
CA ALA E 61 -0.36 21.52 16.42
C ALA E 61 1.08 21.09 16.18
N GLU E 62 1.37 19.81 16.41
CA GLU E 62 2.71 19.25 16.23
C GLU E 62 3.29 19.67 14.88
N ILE E 63 2.55 19.42 13.82
CA ILE E 63 3.01 19.79 12.51
C ILE E 63 3.08 21.32 12.42
N LEU E 64 2.04 22.01 12.86
CA LEU E 64 2.03 23.46 12.81
C LEU E 64 3.27 24.05 13.43
N GLU E 65 3.74 23.42 14.51
CA GLU E 65 4.92 23.85 15.24
C GLU E 65 6.16 23.74 14.36
N LEU E 66 6.39 22.53 13.85
CA LEU E 66 7.55 22.27 13.00
C LEU E 66 7.46 23.04 11.69
N ALA E 67 6.22 23.27 11.26
CA ALA E 67 5.98 23.97 10.01
C ALA E 67 6.44 25.41 10.16
N GLY E 68 5.94 26.08 11.18
CA GLY E 68 6.33 27.46 11.40
C GLY E 68 7.84 27.56 11.49
N ASN E 69 8.43 26.72 12.32
CA ASN E 69 9.86 26.70 12.49
C ASN E 69 10.54 26.75 11.14
N ALA E 70 10.07 25.96 10.18
CA ALA E 70 10.73 26.00 8.87
C ALA E 70 10.56 27.40 8.24
N ALA E 71 9.38 27.98 8.39
CA ALA E 71 9.15 29.31 7.85
C ALA E 71 10.11 30.22 8.60
N ARG E 72 10.05 30.16 9.92
CA ARG E 72 10.91 30.97 10.76
C ARG E 72 12.34 30.91 10.22
N ASP E 73 12.92 29.72 10.16
CA ASP E 73 14.28 29.60 9.65
C ASP E 73 14.55 30.25 8.30
N ASN E 74 13.54 30.29 7.43
CA ASN E 74 13.70 30.89 6.12
C ASN E 74 13.38 32.36 6.13
N LYS E 75 13.42 32.96 7.32
CA LYS E 75 13.15 34.38 7.47
C LYS E 75 11.71 34.81 7.13
N LYS E 76 10.82 33.84 6.95
CA LYS E 76 9.45 34.17 6.59
C LYS E 76 8.44 34.04 7.72
N THR E 77 7.28 34.66 7.53
CA THR E 77 6.23 34.62 8.53
C THR E 77 4.98 33.85 8.12
N ARG E 78 4.82 33.60 6.82
CA ARG E 78 3.65 32.85 6.36
C ARG E 78 3.98 31.44 5.95
N ILE E 79 3.48 30.47 6.70
CA ILE E 79 3.70 29.06 6.42
C ILE E 79 3.14 28.69 5.05
N ILE E 80 4.01 28.21 4.16
CA ILE E 80 3.56 27.81 2.84
C ILE E 80 3.89 26.34 2.65
N PRO E 81 3.41 25.73 1.56
CA PRO E 81 3.73 24.31 1.44
C PRO E 81 5.18 23.87 1.58
N ARG E 82 6.15 24.59 0.99
CA ARG E 82 7.51 24.09 1.17
C ARG E 82 7.83 23.91 2.64
N HIS E 83 7.37 24.83 3.48
CA HIS E 83 7.62 24.72 4.90
C HIS E 83 7.01 23.40 5.41
N LEU E 84 5.73 23.17 5.10
CA LEU E 84 5.09 21.96 5.54
C LEU E 84 5.94 20.80 5.07
N GLN E 85 6.21 20.76 3.78
CA GLN E 85 7.01 19.68 3.22
C GLN E 85 8.37 19.59 3.87
N LEU E 86 8.93 20.69 4.36
CA LEU E 86 10.25 20.59 4.99
C LEU E 86 10.12 20.09 6.39
N ALA E 87 9.10 20.56 7.08
CA ALA E 87 8.87 20.14 8.46
C ALA E 87 8.73 18.63 8.52
N ILE E 88 8.00 18.09 7.55
CA ILE E 88 7.70 16.68 7.40
C ILE E 88 8.86 15.75 7.07
N ARG E 89 9.54 16.02 5.97
CA ARG E 89 10.63 15.18 5.55
C ARG E 89 11.81 15.19 6.49
N ASN E 90 11.79 16.12 7.45
CA ASN E 90 12.87 16.22 8.44
C ASN E 90 12.49 15.76 9.86
N ASP E 91 11.35 15.08 9.99
CA ASP E 91 10.91 14.63 11.31
C ASP E 91 10.67 13.14 11.30
N ASP E 92 11.57 12.39 11.92
CA ASP E 92 11.46 10.93 11.98
C ASP E 92 9.99 10.57 12.14
N GLU E 93 9.33 11.25 13.06
CA GLU E 93 7.93 10.94 13.30
C GLU E 93 7.00 11.23 12.11
N LEU E 94 6.90 12.49 11.71
CA LEU E 94 6.03 12.88 10.61
C LEU E 94 6.39 12.25 9.26
N ASN E 95 7.65 12.29 8.89
CA ASN E 95 8.03 11.69 7.64
C ASN E 95 7.60 10.23 7.53
N LYS E 96 7.39 9.56 8.66
CA LYS E 96 6.97 8.17 8.62
C LYS E 96 5.45 8.09 8.49
N LEU E 97 4.74 8.91 9.24
CA LEU E 97 3.29 8.94 9.21
C LEU E 97 2.80 9.45 7.86
N LEU E 98 3.66 10.19 7.17
CA LEU E 98 3.31 10.73 5.86
C LEU E 98 4.31 10.23 4.82
N GLY E 99 4.53 8.92 4.82
CA GLY E 99 5.47 8.34 3.90
C GLY E 99 4.91 8.26 2.53
N ASN E 100 3.65 7.87 2.42
CA ASN E 100 3.07 7.73 1.09
C ASN E 100 2.03 8.81 0.75
N VAL E 101 2.33 10.03 1.18
CA VAL E 101 1.50 11.22 0.98
C VAL E 101 2.42 12.19 0.24
N THR E 102 1.86 12.95 -0.69
CA THR E 102 2.56 13.91 -1.51
C THR E 102 2.07 15.33 -1.22
N ILE E 103 2.97 16.25 -0.94
CA ILE E 103 2.58 17.63 -0.66
C ILE E 103 2.68 18.46 -1.92
N ALA E 104 1.55 18.90 -2.46
CA ALA E 104 1.54 19.71 -3.67
C ALA E 104 2.27 21.01 -3.42
N GLN E 105 3.27 21.27 -4.24
CA GLN E 105 4.09 22.48 -4.13
C GLN E 105 5.11 22.41 -3.00
N GLY E 106 5.42 21.17 -2.59
CA GLY E 106 6.37 20.94 -1.51
C GLY E 106 7.85 20.88 -1.79
N GLY E 107 8.25 20.41 -2.96
CA GLY E 107 9.67 20.33 -3.26
C GLY E 107 10.28 19.11 -2.59
N VAL E 108 11.60 19.01 -2.60
CA VAL E 108 12.26 17.85 -2.00
C VAL E 108 13.36 18.32 -1.07
N LEU E 109 13.61 17.63 0.03
CA LEU E 109 14.67 18.07 0.91
C LEU E 109 15.92 18.19 0.07
N PRO E 110 16.65 19.31 0.17
CA PRO E 110 17.87 19.49 -0.60
C PRO E 110 18.85 18.40 -0.23
N ASN E 111 19.41 17.73 -1.24
CA ASN E 111 20.38 16.66 -0.96
C ASN E 111 21.15 16.26 -2.20
N ILE E 112 22.48 16.37 -2.17
CA ILE E 112 23.31 15.99 -3.31
C ILE E 112 24.32 14.94 -2.89
N HIS E 113 24.17 13.74 -3.42
CA HIS E 113 25.06 12.60 -3.10
C HIS E 113 26.56 12.90 -3.27
N GLN E 114 27.37 12.41 -2.34
CA GLN E 114 28.81 12.66 -2.39
C GLN E 114 29.52 12.22 -3.66
N ASN E 115 29.21 11.04 -4.17
CA ASN E 115 29.84 10.59 -5.40
C ASN E 115 29.65 11.61 -6.51
N LEU E 116 28.69 12.52 -6.35
CA LEU E 116 28.45 13.51 -7.39
C LEU E 116 29.15 14.84 -7.15
N LEU E 117 29.85 14.97 -6.03
CA LEU E 117 30.55 16.20 -5.70
C LEU E 117 31.94 16.27 -6.34
N PRO E 118 32.51 17.48 -6.46
CA PRO E 118 33.83 17.72 -7.05
C PRO E 118 35.06 17.53 -6.18
N LYS E 119 36.22 17.56 -6.84
CA LYS E 119 37.53 17.50 -6.19
C LYS E 119 38.17 16.21 -5.69
N LYS E 120 39.22 16.48 -4.92
CA LYS E 120 40.09 15.55 -4.21
C LYS E 120 40.65 16.48 -3.14
N SER E 121 40.36 16.16 -1.88
CA SER E 121 40.81 16.92 -0.71
C SER E 121 41.52 18.27 -0.93
N ALA E 122 40.76 19.37 -0.81
CA ALA E 122 41.32 20.71 -0.94
C ALA E 122 40.72 21.58 0.17
N LYS E 123 40.85 21.08 1.39
CA LYS E 123 40.37 21.76 2.58
C LYS E 123 41.65 22.33 3.21
N ALA E 124 41.55 22.93 4.39
CA ALA E 124 42.74 23.50 5.04
C ALA E 124 43.39 22.57 6.05
N THR E 125 44.70 22.71 6.24
CA THR E 125 45.47 21.88 7.17
C THR E 125 46.78 22.54 7.64
N ARG F 36 -22.25 24.31 1.16
CA ARG F 36 -21.84 24.96 2.44
C ARG F 36 -20.81 24.09 3.15
N LYS F 37 -20.03 23.35 2.36
CA LYS F 37 -19.00 22.44 2.87
C LYS F 37 -18.28 22.88 4.15
N GLU F 38 -17.95 21.89 4.98
CA GLU F 38 -17.26 22.10 6.24
C GLU F 38 -15.75 22.16 6.00
N THR F 39 -14.98 22.02 7.08
CA THR F 39 -13.52 22.05 7.03
C THR F 39 -12.98 22.42 8.41
N TYR F 40 -11.73 22.04 8.69
CA TYR F 40 -11.09 22.31 9.96
C TYR F 40 -10.29 23.60 9.97
N SER F 41 -10.29 24.32 8.85
CA SER F 41 -9.51 25.57 8.76
C SER F 41 -9.59 26.43 10.01
N SER F 42 -10.81 26.84 10.38
CA SER F 42 -11.05 27.70 11.53
C SER F 42 -10.30 27.37 12.81
N TYR F 43 -10.28 26.09 13.18
CA TYR F 43 -9.62 25.68 14.42
C TYR F 43 -8.12 25.56 14.22
N ILE F 44 -7.73 25.07 13.06
CA ILE F 44 -6.31 24.93 12.78
C ILE F 44 -5.70 26.29 13.06
N TYR F 45 -6.28 27.31 12.44
CA TYR F 45 -5.84 28.69 12.60
C TYR F 45 -5.75 29.12 14.06
N LYS F 46 -6.76 28.78 14.87
CA LYS F 46 -6.72 29.13 16.29
C LYS F 46 -5.51 28.45 16.90
N VAL F 47 -5.51 27.12 16.86
CA VAL F 47 -4.42 26.30 17.38
C VAL F 47 -3.05 26.89 17.00
N LEU F 48 -2.96 27.37 15.76
CA LEU F 48 -1.72 27.94 15.29
C LEU F 48 -1.38 29.17 16.08
N LYS F 49 -2.30 30.14 16.05
CA LYS F 49 -2.15 31.43 16.73
C LYS F 49 -1.91 31.32 18.22
N GLN F 50 -2.60 30.38 18.86
CA GLN F 50 -2.43 30.18 20.29
C GLN F 50 -0.96 30.13 20.70
N THR F 51 -0.15 29.39 19.96
CA THR F 51 1.27 29.30 20.28
C THR F 51 2.05 30.40 19.57
N HIS F 52 1.98 30.43 18.25
CA HIS F 52 2.69 31.44 17.47
C HIS F 52 1.65 32.33 16.79
N PRO F 53 1.22 33.40 17.47
CA PRO F 53 0.23 34.39 17.02
C PRO F 53 0.67 35.19 15.81
N ASP F 54 1.96 35.38 15.66
CA ASP F 54 2.50 36.13 14.53
C ASP F 54 2.45 35.31 13.23
N THR F 55 2.83 34.04 13.32
CA THR F 55 2.86 33.16 12.16
C THR F 55 1.53 33.11 11.40
N GLY F 56 1.65 33.12 10.08
CA GLY F 56 0.48 33.08 9.21
C GLY F 56 0.48 31.84 8.35
N ILE F 57 -0.70 31.34 8.01
CA ILE F 57 -0.77 30.13 7.21
C ILE F 57 -1.43 30.32 5.85
N SER F 58 -0.60 30.27 4.80
CA SER F 58 -1.02 30.41 3.42
C SER F 58 -2.31 29.68 3.07
N GLN F 59 -2.95 30.11 1.99
CA GLN F 59 -4.20 29.53 1.54
C GLN F 59 -4.08 28.03 1.34
N LYS F 60 -3.18 27.61 0.47
CA LYS F 60 -2.99 26.20 0.17
C LYS F 60 -2.37 25.41 1.30
N SER F 61 -1.54 26.06 2.12
CA SER F 61 -0.93 25.37 3.26
C SER F 61 -2.08 24.90 4.12
N MET F 62 -3.10 25.75 4.20
CA MET F 62 -4.27 25.44 4.98
C MET F 62 -4.99 24.24 4.38
N SER F 63 -5.17 24.26 3.07
CA SER F 63 -5.86 23.15 2.40
C SER F 63 -5.18 21.83 2.65
N ILE F 64 -3.85 21.86 2.68
CA ILE F 64 -3.09 20.66 2.94
C ILE F 64 -3.40 20.17 4.35
N LEU F 65 -3.28 21.09 5.32
CA LEU F 65 -3.55 20.72 6.70
C LEU F 65 -4.92 20.11 6.87
N ASN F 66 -5.88 20.62 6.14
CA ASN F 66 -7.21 20.05 6.26
C ASN F 66 -7.13 18.60 5.85
N SER F 67 -6.45 18.33 4.72
CA SER F 67 -6.31 16.97 4.22
C SER F 67 -5.63 16.12 5.27
N PHE F 68 -4.54 16.62 5.83
CA PHE F 68 -3.83 15.90 6.88
C PHE F 68 -4.82 15.37 7.93
N VAL F 69 -5.52 16.29 8.57
CA VAL F 69 -6.50 15.96 9.61
C VAL F 69 -7.53 14.94 9.16
N ASN F 70 -8.10 15.12 7.97
CA ASN F 70 -9.10 14.18 7.49
C ASN F 70 -8.47 12.83 7.24
N ASP F 71 -7.21 12.86 6.83
CA ASP F 71 -6.48 11.64 6.49
C ASP F 71 -6.33 10.79 7.70
N ILE F 72 -5.67 11.35 8.71
CA ILE F 72 -5.44 10.63 9.93
C ILE F 72 -6.74 10.29 10.60
N PHE F 73 -7.66 11.26 10.65
CA PHE F 73 -8.96 11.00 11.25
C PHE F 73 -9.45 9.69 10.65
N GLU F 74 -9.31 9.62 9.33
CA GLU F 74 -9.74 8.47 8.58
C GLU F 74 -9.06 7.19 8.98
N ARG F 75 -7.74 7.22 9.10
CA ARG F 75 -6.99 6.01 9.46
C ARG F 75 -7.38 5.43 10.80
N ILE F 76 -7.51 6.31 11.79
CA ILE F 76 -7.86 5.95 13.15
C ILE F 76 -9.26 5.35 13.26
N ALA F 77 -10.23 6.11 12.77
CA ALA F 77 -11.61 5.64 12.78
C ALA F 77 -11.68 4.24 12.18
N THR F 78 -11.08 4.09 11.01
CA THR F 78 -11.07 2.82 10.33
C THR F 78 -10.44 1.71 11.18
N GLU F 79 -9.28 1.99 11.78
CA GLU F 79 -8.60 1.00 12.63
C GLU F 79 -9.48 0.70 13.81
N ALA F 80 -10.06 1.76 14.36
CA ALA F 80 -10.96 1.66 15.50
C ALA F 80 -12.06 0.75 15.06
N SER F 81 -12.70 1.12 13.95
CA SER F 81 -13.77 0.31 13.41
C SER F 81 -13.45 -1.19 13.35
N LYS F 82 -12.21 -1.53 12.96
CA LYS F 82 -11.78 -2.93 12.85
C LYS F 82 -11.50 -3.58 14.20
N LEU F 83 -10.80 -2.86 15.05
CA LEU F 83 -10.46 -3.33 16.38
C LEU F 83 -11.79 -3.80 16.96
N ALA F 84 -12.80 -2.96 16.80
CA ALA F 84 -14.15 -3.25 17.29
C ALA F 84 -14.66 -4.53 16.62
N ALA F 85 -14.83 -4.48 15.31
CA ALA F 85 -15.32 -5.59 14.54
C ALA F 85 -14.56 -6.88 14.85
N TYR F 86 -13.23 -6.82 14.92
CA TYR F 86 -12.43 -7.99 15.22
C TYR F 86 -12.85 -8.56 16.55
N ASN F 87 -13.16 -7.67 17.48
CA ASN F 87 -13.53 -8.09 18.82
C ASN F 87 -15.02 -8.15 19.17
N LYS F 88 -15.84 -8.56 18.22
CA LYS F 88 -17.27 -8.69 18.47
C LYS F 88 -17.95 -7.57 19.28
N LYS F 89 -17.63 -6.32 19.01
CA LYS F 89 -18.24 -5.19 19.72
C LYS F 89 -19.03 -4.30 18.76
N SER F 90 -20.17 -3.80 19.21
CA SER F 90 -20.97 -2.93 18.36
C SER F 90 -20.61 -1.46 18.56
N THR F 91 -19.80 -1.18 19.56
CA THR F 91 -19.43 0.20 19.82
C THR F 91 -17.94 0.49 19.70
N ILE F 92 -17.62 1.67 19.20
CA ILE F 92 -16.23 2.10 19.09
C ILE F 92 -16.09 3.03 20.29
N SER F 93 -15.39 2.58 21.32
CA SER F 93 -15.19 3.39 22.51
C SER F 93 -13.89 4.18 22.42
N ALA F 94 -13.57 4.95 23.45
CA ALA F 94 -12.32 5.68 23.42
C ALA F 94 -11.20 4.65 23.59
N ARG F 95 -11.58 3.44 23.98
CA ARG F 95 -10.63 2.37 24.18
C ARG F 95 -10.14 1.89 22.82
N GLU F 96 -11.03 1.86 21.83
CA GLU F 96 -10.65 1.44 20.48
C GLU F 96 -9.81 2.59 19.95
N ILE F 97 -10.37 3.78 20.01
CA ILE F 97 -9.68 4.96 19.55
C ILE F 97 -8.25 5.00 20.04
N GLN F 98 -8.02 4.51 21.25
CA GLN F 98 -6.68 4.53 21.79
C GLN F 98 -5.82 3.52 21.07
N THR F 99 -6.14 2.24 21.23
CA THR F 99 -5.37 1.19 20.55
C THR F 99 -5.16 1.62 19.12
N ALA F 100 -6.21 2.15 18.50
CA ALA F 100 -6.16 2.65 17.14
C ALA F 100 -4.94 3.52 17.01
N VAL F 101 -4.93 4.61 17.75
CA VAL F 101 -3.81 5.53 17.76
C VAL F 101 -2.47 4.79 17.88
N ARG F 102 -2.39 3.88 18.86
CA ARG F 102 -1.17 3.11 19.10
C ARG F 102 -0.69 2.37 17.86
N LEU F 103 -1.64 1.78 17.14
CA LEU F 103 -1.34 1.06 15.93
C LEU F 103 -0.99 2.01 14.80
N ILE F 104 -1.75 3.08 14.61
CA ILE F 104 -1.44 3.94 13.47
C ILE F 104 -0.44 5.09 13.63
N LEU F 105 0.13 5.30 14.82
CA LEU F 105 1.11 6.38 14.96
C LEU F 105 2.48 5.95 15.47
N PRO F 106 3.51 6.70 15.11
CA PRO F 106 4.87 6.37 15.56
C PRO F 106 5.04 6.66 17.05
N GLY F 107 5.93 5.89 17.67
CA GLY F 107 6.21 6.04 19.08
C GLY F 107 5.95 7.40 19.69
N GLU F 108 6.86 8.35 19.48
CA GLU F 108 6.71 9.67 20.09
C GLU F 108 5.38 10.35 19.80
N LEU F 109 4.84 10.18 18.59
CA LEU F 109 3.56 10.81 18.30
C LEU F 109 2.47 10.05 19.05
N ALA F 110 2.56 8.74 19.01
CA ALA F 110 1.60 7.87 19.67
C ALA F 110 1.56 8.17 21.17
N LYS F 111 2.74 8.26 21.75
CA LYS F 111 2.87 8.51 23.17
C LYS F 111 2.08 9.76 23.52
N HIS F 112 2.53 10.89 22.98
CA HIS F 112 1.89 12.16 23.23
C HIS F 112 0.41 12.17 22.91
N ALA F 113 0.00 11.46 21.88
CA ALA F 113 -1.42 11.40 21.55
C ALA F 113 -2.18 10.74 22.72
N VAL F 114 -1.87 9.48 23.03
CA VAL F 114 -2.56 8.82 24.14
C VAL F 114 -2.71 9.75 25.36
N SER F 115 -1.67 10.52 25.68
CA SER F 115 -1.78 11.45 26.81
C SER F 115 -2.95 12.38 26.47
N GLU F 116 -2.68 13.42 25.69
CA GLU F 116 -3.69 14.36 25.23
C GLU F 116 -5.07 13.70 25.13
N GLY F 117 -5.09 12.47 24.63
CA GLY F 117 -6.35 11.78 24.51
C GLY F 117 -6.95 11.53 25.87
N THR F 118 -6.22 10.80 26.71
CA THR F 118 -6.70 10.52 28.05
C THR F 118 -7.07 11.85 28.71
N ARG F 119 -6.10 12.75 28.78
CA ARG F 119 -6.31 14.06 29.38
C ARG F 119 -7.72 14.61 29.12
N ALA F 120 -7.97 15.03 27.88
CA ALA F 120 -9.26 15.61 27.52
C ALA F 120 -10.48 14.79 27.94
N VAL F 121 -10.41 13.47 27.80
CA VAL F 121 -11.53 12.63 28.17
C VAL F 121 -11.69 12.51 29.67
N THR F 122 -10.63 12.78 30.41
CA THR F 122 -10.69 12.75 31.87
C THR F 122 -11.29 14.08 32.29
N LYS F 123 -10.86 15.15 31.63
CA LYS F 123 -11.36 16.48 31.94
C LYS F 123 -12.79 16.64 31.44
N TYR F 124 -13.24 15.73 30.57
CA TYR F 124 -14.59 15.83 30.07
C TYR F 124 -15.52 15.22 31.08
N SER F 125 -14.98 14.34 31.90
CA SER F 125 -15.78 13.71 32.93
C SER F 125 -15.61 14.49 34.22
N SER F 126 -14.59 15.34 34.29
CA SER F 126 -14.36 16.13 35.49
C SER F 126 -15.50 17.12 35.52
N SER F 127 -15.84 17.63 34.34
CA SER F 127 -16.94 18.56 34.22
C SER F 127 -18.19 17.73 34.46
N THR F 128 -18.07 16.82 35.43
CA THR F 128 -19.12 15.90 35.86
C THR F 128 -19.99 15.32 34.74
N PRO G 38 38.02 32.77 -23.71
CA PRO G 38 36.62 32.35 -23.50
C PRO G 38 36.49 31.67 -22.14
N HIS G 39 35.27 31.63 -21.62
CA HIS G 39 35.04 31.00 -20.32
C HIS G 39 34.35 29.66 -20.51
N ARG G 40 34.84 28.66 -19.79
CA ARG G 40 34.28 27.31 -19.86
C ARG G 40 34.18 26.69 -18.48
N TYR G 41 32.98 26.25 -18.12
CA TYR G 41 32.80 25.59 -16.83
C TYR G 41 33.05 24.11 -17.08
N LYS G 42 33.95 23.52 -16.28
CA LYS G 42 34.25 22.10 -16.43
C LYS G 42 32.94 21.36 -16.45
N PRO G 43 32.81 20.34 -17.31
CA PRO G 43 31.54 19.61 -17.37
C PRO G 43 31.12 19.05 -16.01
N GLY G 44 29.84 19.20 -15.71
CA GLY G 44 29.32 18.72 -14.44
C GLY G 44 29.22 19.79 -13.40
N THR G 45 29.74 20.97 -13.70
CA THR G 45 29.70 22.06 -12.76
C THR G 45 28.41 22.85 -12.82
N VAL G 46 27.94 23.14 -14.03
CA VAL G 46 26.70 23.88 -14.14
C VAL G 46 25.60 22.91 -13.79
N ALA G 47 25.81 21.63 -14.12
CA ALA G 47 24.84 20.59 -13.81
C ALA G 47 24.53 20.64 -12.33
N LEU G 48 25.58 20.67 -11.53
CA LEU G 48 25.42 20.75 -10.09
C LEU G 48 24.76 22.09 -9.74
N ARG G 49 24.99 23.12 -10.55
CA ARG G 49 24.36 24.40 -10.26
C ARG G 49 22.87 24.17 -10.39
N GLU G 50 22.51 23.38 -11.40
CA GLU G 50 21.12 23.03 -11.69
C GLU G 50 20.45 22.21 -10.57
N ILE G 51 21.15 21.18 -10.09
CA ILE G 51 20.64 20.35 -9.01
C ILE G 51 20.33 21.26 -7.81
N ARG G 52 21.34 21.98 -7.32
CA ARG G 52 21.12 22.87 -6.19
C ARG G 52 19.93 23.78 -6.51
N ARG G 53 19.89 24.27 -7.74
CA ARG G 53 18.82 25.17 -8.13
C ARG G 53 17.41 24.60 -7.97
N PHE G 54 17.15 23.48 -8.63
CA PHE G 54 15.83 22.91 -8.60
C PHE G 54 15.39 22.27 -7.30
N GLN G 55 16.32 21.94 -6.42
CA GLN G 55 15.90 21.34 -5.18
C GLN G 55 15.50 22.45 -4.22
N LYS G 56 15.86 23.68 -4.55
CA LYS G 56 15.52 24.78 -3.69
C LYS G 56 14.13 25.30 -4.04
N SER G 57 13.73 25.16 -5.29
CA SER G 57 12.44 25.64 -5.75
C SER G 57 11.38 24.54 -5.76
N THR G 58 10.14 24.90 -6.10
CA THR G 58 9.09 23.91 -6.13
C THR G 58 8.06 24.05 -7.27
N GLU G 59 8.37 24.87 -8.28
CA GLU G 59 7.44 25.05 -9.38
C GLU G 59 7.48 23.84 -10.27
N LEU G 60 6.34 23.50 -10.89
CA LEU G 60 6.29 22.35 -11.77
C LEU G 60 7.39 22.48 -12.81
N LEU G 61 7.76 21.39 -13.46
CA LEU G 61 8.87 21.47 -14.41
C LEU G 61 8.55 21.07 -15.85
N ILE G 62 7.32 20.60 -16.07
CA ILE G 62 6.88 20.23 -17.40
C ILE G 62 5.98 21.40 -17.85
N ARG G 63 6.02 21.74 -19.13
CA ARG G 63 5.22 22.85 -19.66
C ARG G 63 3.75 22.50 -19.44
N LYS G 64 2.98 23.43 -18.89
CA LYS G 64 1.56 23.21 -18.60
C LYS G 64 0.68 22.66 -19.72
N LEU G 65 0.57 23.43 -20.80
CA LEU G 65 -0.27 23.07 -21.96
C LEU G 65 0.10 21.72 -22.53
N PRO G 66 1.37 21.56 -22.93
CA PRO G 66 1.84 20.29 -23.49
C PRO G 66 1.35 19.16 -22.63
N PHE G 67 1.43 19.37 -21.31
CA PHE G 67 1.02 18.39 -20.35
C PHE G 67 -0.48 18.19 -20.46
N GLN G 68 -1.22 19.29 -20.43
CA GLN G 68 -2.66 19.21 -20.55
C GLN G 68 -2.98 18.38 -21.77
N ARG G 69 -2.34 18.72 -22.88
CA ARG G 69 -2.53 18.01 -24.13
C ARG G 69 -2.45 16.52 -23.84
N LEU G 70 -1.30 16.09 -23.36
CA LEU G 70 -1.08 14.69 -23.03
C LEU G 70 -2.20 14.04 -22.22
N VAL G 71 -2.60 14.70 -21.13
CA VAL G 71 -3.65 14.16 -20.29
C VAL G 71 -4.84 13.90 -21.17
N ARG G 72 -5.29 14.94 -21.87
CA ARG G 72 -6.45 14.89 -22.77
C ARG G 72 -6.35 13.70 -23.72
N GLU G 73 -5.21 13.58 -24.38
CA GLU G 73 -4.96 12.50 -25.31
C GLU G 73 -5.20 11.18 -24.59
N ILE G 74 -4.49 10.99 -23.49
CA ILE G 74 -4.61 9.78 -22.71
C ILE G 74 -6.04 9.44 -22.36
N ALA G 75 -6.78 10.45 -21.90
CA ALA G 75 -8.15 10.28 -21.47
C ALA G 75 -9.09 9.90 -22.60
N GLN G 76 -8.91 10.57 -23.74
CA GLN G 76 -9.71 10.33 -24.94
C GLN G 76 -9.89 8.84 -25.16
N ASP G 77 -8.82 8.08 -24.92
CA ASP G 77 -8.83 6.64 -25.09
C ASP G 77 -9.76 5.93 -24.09
N PHE G 78 -10.45 6.69 -23.26
CA PHE G 78 -11.34 6.08 -22.29
C PHE G 78 -12.73 6.63 -22.53
N LYS G 79 -12.91 7.92 -22.28
CA LYS G 79 -14.20 8.56 -22.52
C LYS G 79 -14.02 9.81 -23.39
N THR G 80 -14.80 9.86 -24.46
CA THR G 80 -14.77 10.97 -25.40
C THR G 80 -15.59 12.15 -24.93
N ASP G 81 -15.20 13.35 -25.38
CA ASP G 81 -15.89 14.57 -25.01
C ASP G 81 -15.89 14.75 -23.49
N LEU G 82 -14.71 14.66 -22.87
CA LEU G 82 -14.61 14.81 -21.43
C LEU G 82 -14.04 16.15 -21.03
N ARG G 83 -14.78 16.85 -20.18
CA ARG G 83 -14.36 18.16 -19.69
C ARG G 83 -13.58 17.93 -18.40
N PHE G 84 -12.41 18.55 -18.31
CA PHE G 84 -11.56 18.41 -17.14
C PHE G 84 -11.60 19.64 -16.27
N GLN G 85 -12.00 19.47 -15.01
CA GLN G 85 -12.00 20.58 -14.09
C GLN G 85 -10.56 21.11 -14.16
N SER G 86 -10.33 22.40 -13.93
CA SER G 86 -8.97 22.92 -14.00
C SER G 86 -7.96 22.19 -13.13
N SER G 87 -8.20 22.28 -11.82
CA SER G 87 -7.35 21.67 -10.80
C SER G 87 -7.08 20.19 -11.02
N ALA G 88 -7.97 19.48 -11.69
CA ALA G 88 -7.73 18.06 -11.94
C ALA G 88 -6.48 17.88 -12.76
N ILE G 89 -6.10 18.88 -13.55
CA ILE G 89 -4.88 18.74 -14.33
C ILE G 89 -3.74 18.93 -13.35
N GLY G 90 -3.87 19.91 -12.45
CA GLY G 90 -2.83 20.18 -11.46
C GLY G 90 -2.61 18.99 -10.54
N ALA G 91 -3.66 18.53 -9.88
CA ALA G 91 -3.52 17.39 -9.02
C ALA G 91 -2.86 16.28 -9.85
N LEU G 92 -3.18 16.25 -11.13
CA LEU G 92 -2.57 15.24 -11.99
C LEU G 92 -1.11 15.49 -12.18
N GLN G 93 -0.75 16.72 -12.52
CA GLN G 93 0.62 17.06 -12.79
C GLN G 93 1.50 16.99 -11.55
N GLU G 94 1.06 17.61 -10.45
CA GLU G 94 1.81 17.60 -9.18
C GLU G 94 2.12 16.14 -8.84
N SER G 95 1.13 15.32 -9.11
CA SER G 95 1.20 13.89 -8.91
C SER G 95 2.33 13.30 -9.75
N VAL G 96 2.23 13.31 -11.07
CA VAL G 96 3.28 12.75 -11.93
C VAL G 96 4.68 13.25 -11.61
N GLU G 97 4.81 14.56 -11.50
CA GLU G 97 6.12 15.15 -11.22
C GLU G 97 6.68 14.64 -9.91
N ALA G 98 5.83 14.52 -8.90
CA ALA G 98 6.27 14.01 -7.60
C ALA G 98 6.88 12.63 -7.82
N TYR G 99 6.16 11.80 -8.56
CA TYR G 99 6.58 10.46 -8.86
C TYR G 99 7.91 10.41 -9.65
N LEU G 100 7.97 11.12 -10.77
CA LEU G 100 9.18 11.09 -11.59
C LEU G 100 10.39 11.51 -10.80
N VAL G 101 10.24 12.52 -9.96
CA VAL G 101 11.37 12.94 -9.13
C VAL G 101 11.66 11.85 -8.10
N SER G 102 10.60 11.31 -7.50
CA SER G 102 10.77 10.26 -6.52
C SER G 102 11.51 9.15 -7.22
N LEU G 103 11.09 8.82 -8.44
CA LEU G 103 11.72 7.75 -9.20
C LEU G 103 13.13 8.08 -9.61
N PHE G 104 13.42 9.34 -9.88
CA PHE G 104 14.78 9.66 -10.31
C PHE G 104 15.81 9.46 -9.24
N GLU G 105 15.48 9.89 -8.02
CA GLU G 105 16.39 9.69 -6.90
C GLU G 105 16.77 8.20 -6.85
N ASP G 106 15.77 7.33 -6.86
CA ASP G 106 16.00 5.89 -6.80
C ASP G 106 16.85 5.47 -7.97
N THR G 107 16.57 6.06 -9.13
CA THR G 107 17.32 5.71 -10.33
C THR G 107 18.79 6.06 -10.10
N ASN G 108 19.04 7.29 -9.65
CA ASN G 108 20.39 7.76 -9.34
C ASN G 108 21.13 6.85 -8.33
N LEU G 109 20.40 6.19 -7.45
CA LEU G 109 21.00 5.30 -6.49
C LEU G 109 21.41 4.02 -7.17
N ALA G 110 20.66 3.65 -8.19
CA ALA G 110 21.00 2.43 -8.92
C ALA G 110 22.24 2.71 -9.76
N ALA G 111 22.49 3.99 -10.03
CA ALA G 111 23.67 4.36 -10.81
C ALA G 111 24.90 4.30 -9.92
N ILE G 112 24.96 5.18 -8.92
CA ILE G 112 26.08 5.18 -7.99
C ILE G 112 26.42 3.72 -7.58
N HIS G 113 25.41 2.86 -7.58
CA HIS G 113 25.63 1.48 -7.19
C HIS G 113 26.57 0.78 -8.14
N ALA G 114 26.29 0.90 -9.44
CA ALA G 114 27.10 0.25 -10.47
C ALA G 114 28.37 1.05 -10.57
N LYS G 115 28.77 1.63 -9.45
CA LYS G 115 29.95 2.46 -9.36
C LYS G 115 30.02 3.51 -10.46
N ARG G 116 28.85 3.98 -10.91
CA ARG G 116 28.77 5.00 -11.94
C ARG G 116 28.17 6.27 -11.41
N VAL G 117 28.02 7.26 -12.28
CA VAL G 117 27.42 8.53 -11.92
C VAL G 117 26.55 9.03 -13.06
N THR G 118 26.20 8.13 -13.98
CA THR G 118 25.35 8.49 -15.10
C THR G 118 24.11 7.59 -15.08
N ILE G 119 22.93 8.15 -14.90
CA ILE G 119 21.74 7.33 -14.89
C ILE G 119 21.54 6.73 -16.28
N GLN G 120 21.45 5.41 -16.35
CA GLN G 120 21.26 4.71 -17.60
C GLN G 120 19.87 4.09 -17.68
N LYS G 121 19.33 3.97 -18.88
CA LYS G 121 18.03 3.35 -19.09
C LYS G 121 17.90 2.13 -18.18
N LYS G 122 19.00 1.42 -17.95
CA LYS G 122 18.99 0.23 -17.13
C LYS G 122 18.78 0.50 -15.63
N GLU G 123 19.00 1.73 -15.20
CA GLU G 123 18.77 2.05 -13.79
C GLU G 123 17.27 2.10 -13.63
N ILE G 124 16.62 2.96 -14.40
CA ILE G 124 15.16 3.05 -14.29
C ILE G 124 14.58 1.64 -14.24
N LYS G 125 15.00 0.74 -15.15
CA LYS G 125 14.45 -0.61 -15.13
C LYS G 125 14.52 -1.17 -13.72
N LEU G 126 15.72 -1.24 -13.17
CA LEU G 126 15.95 -1.76 -11.83
C LEU G 126 15.29 -0.94 -10.75
N ALA G 127 15.39 0.38 -10.89
CA ALA G 127 14.80 1.31 -9.93
C ALA G 127 13.30 1.04 -9.83
N ARG G 128 12.64 0.91 -10.97
CA ARG G 128 11.23 0.64 -10.94
C ARG G 128 11.00 -0.79 -10.52
N ARG G 129 11.89 -1.69 -10.95
CA ARG G 129 11.73 -3.10 -10.62
C ARG G 129 11.75 -3.37 -9.14
N LEU G 130 12.50 -2.57 -8.40
CA LEU G 130 12.59 -2.78 -6.95
C LEU G 130 11.51 -2.10 -6.13
N ARG G 131 11.02 -0.94 -6.58
CA ARG G 131 9.95 -0.25 -5.86
C ARG G 131 8.75 -1.15 -6.10
N GLY G 132 8.92 -2.07 -7.04
CA GLY G 132 7.91 -3.04 -7.42
C GLY G 132 6.87 -2.45 -8.35
N GLU G 133 7.11 -2.41 -9.66
CA GLU G 133 6.15 -1.76 -10.56
C GLU G 133 5.85 -2.37 -11.94
N ARG G 134 5.29 -3.57 -12.01
CA ARG G 134 4.98 -4.12 -13.32
C ARG G 134 3.79 -5.08 -13.25
N HIS H 18 -4.17 21.76 -44.68
CA HIS H 18 -2.94 22.61 -44.52
C HIS H 18 -3.04 23.46 -43.24
N ARG H 19 -4.01 24.37 -43.22
CA ARG H 19 -4.24 25.28 -42.09
C ARG H 19 -4.63 24.56 -40.79
N LYS H 20 -5.34 23.45 -40.92
CA LYS H 20 -5.81 22.70 -39.75
C LYS H 20 -5.02 21.43 -39.41
N ILE H 21 -3.87 21.57 -38.77
CA ILE H 21 -3.09 20.39 -38.39
C ILE H 21 -2.42 20.58 -37.04
N LEU H 22 -2.35 19.49 -36.28
CA LEU H 22 -1.72 19.49 -34.96
C LEU H 22 -1.08 18.10 -34.79
N ARG H 23 -0.92 17.62 -33.56
CA ARG H 23 -0.30 16.31 -33.32
C ARG H 23 -0.71 15.72 -31.95
N ASP H 24 -0.46 14.42 -31.75
CA ASP H 24 -0.77 13.80 -30.45
C ASP H 24 0.45 14.15 -29.58
N ASN H 25 0.36 14.05 -28.26
CA ASN H 25 1.48 14.63 -27.49
C ASN H 25 2.49 14.06 -26.51
N ILE H 26 2.96 12.84 -26.63
CA ILE H 26 3.92 12.42 -25.62
C ILE H 26 5.30 13.06 -25.82
N GLN H 27 5.55 13.56 -27.02
CA GLN H 27 6.83 14.19 -27.32
C GLN H 27 6.73 15.60 -26.81
N GLY H 28 5.60 15.90 -26.16
CA GLY H 28 5.41 17.22 -25.61
C GLY H 28 6.20 17.31 -24.32
N ILE H 29 6.69 16.16 -23.88
CA ILE H 29 7.49 16.14 -22.68
C ILE H 29 8.92 16.27 -23.20
N THR H 30 9.35 17.52 -23.32
CA THR H 30 10.66 17.88 -23.82
C THR H 30 11.85 17.37 -23.03
N LYS H 31 12.92 17.05 -23.76
CA LYS H 31 14.16 16.58 -23.16
C LYS H 31 14.57 17.55 -22.04
N PRO H 32 14.44 18.87 -22.28
CA PRO H 32 14.84 19.78 -21.21
C PRO H 32 14.01 19.59 -19.94
N ALA H 33 12.74 19.25 -20.10
CA ALA H 33 11.90 19.06 -18.94
C ALA H 33 12.41 17.87 -18.16
N ILE H 34 12.39 16.71 -18.82
CA ILE H 34 12.84 15.49 -18.18
C ILE H 34 14.14 15.73 -17.46
N ARG H 35 15.06 16.40 -18.13
CA ARG H 35 16.36 16.71 -17.54
C ARG H 35 16.15 17.41 -16.20
N ARG H 36 15.23 18.37 -16.21
CA ARG H 36 14.92 19.13 -15.00
C ARG H 36 14.45 18.27 -13.83
N LEU H 37 13.48 17.39 -14.09
CA LEU H 37 12.99 16.51 -13.05
C LEU H 37 14.17 15.81 -12.42
N ALA H 38 14.88 15.00 -13.19
CA ALA H 38 16.05 14.26 -12.67
C ALA H 38 17.04 15.18 -11.96
N ARG H 39 17.00 16.47 -12.31
CA ARG H 39 17.89 17.45 -11.70
C ARG H 39 17.42 17.65 -10.26
N ARG H 40 16.13 17.83 -10.09
CA ARG H 40 15.56 18.02 -8.76
C ARG H 40 15.70 16.73 -7.98
N GLY H 41 15.88 15.63 -8.71
CA GLY H 41 16.02 14.35 -8.07
C GLY H 41 17.48 14.06 -7.86
N GLY H 42 18.33 15.05 -8.05
CA GLY H 42 19.74 14.83 -7.83
C GLY H 42 20.59 14.14 -8.90
N VAL H 43 20.02 13.91 -10.08
CA VAL H 43 20.78 13.26 -11.13
C VAL H 43 21.71 14.32 -11.69
N LYS H 44 22.95 13.96 -11.97
CA LYS H 44 23.90 14.93 -12.50
C LYS H 44 24.24 14.63 -13.96
N ARG H 45 24.33 13.35 -14.30
CA ARG H 45 24.67 12.92 -15.66
C ARG H 45 23.59 12.02 -16.26
N ILE H 46 22.93 12.47 -17.32
CA ILE H 46 21.86 11.71 -17.95
C ILE H 46 22.18 11.07 -19.32
N SER H 47 22.22 9.74 -19.36
CA SER H 47 22.49 9.03 -20.61
C SER H 47 21.28 9.23 -21.52
N GLY H 48 21.53 9.42 -22.79
CA GLY H 48 20.48 9.69 -23.76
C GLY H 48 19.30 8.76 -23.92
N LEU H 49 19.42 7.50 -23.50
CA LEU H 49 18.28 6.59 -23.65
C LEU H 49 17.24 6.80 -22.57
N ILE H 50 17.59 7.61 -21.59
CA ILE H 50 16.72 7.90 -20.46
C ILE H 50 15.43 8.59 -20.91
N TYR H 51 15.55 9.63 -21.73
CA TYR H 51 14.39 10.39 -22.16
C TYR H 51 13.19 9.61 -22.67
N GLU H 52 13.34 8.88 -23.77
CA GLU H 52 12.21 8.10 -24.27
C GLU H 52 11.80 7.13 -23.19
N GLU H 53 12.75 6.75 -22.35
CA GLU H 53 12.46 5.81 -21.29
C GLU H 53 11.54 6.48 -20.28
N VAL H 54 11.94 7.66 -19.83
CA VAL H 54 11.17 8.45 -18.86
C VAL H 54 9.77 8.65 -19.40
N ARG H 55 9.70 9.00 -20.68
CA ARG H 55 8.42 9.22 -21.36
C ARG H 55 7.57 7.96 -21.26
N ALA H 56 8.19 6.84 -21.58
CA ALA H 56 7.47 5.58 -21.55
C ALA H 56 6.75 5.43 -20.22
N VAL H 57 7.50 5.63 -19.15
CA VAL H 57 6.97 5.52 -17.82
C VAL H 57 5.90 6.55 -17.58
N LEU H 58 6.28 7.81 -17.63
CA LEU H 58 5.31 8.86 -17.41
C LEU H 58 3.95 8.54 -18.08
N LYS H 59 3.97 8.03 -19.30
CA LYS H 59 2.73 7.72 -19.98
C LYS H 59 1.89 6.76 -19.18
N SER H 60 2.41 5.56 -18.96
CA SER H 60 1.63 4.56 -18.23
C SER H 60 1.28 4.91 -16.79
N PHE H 61 1.83 6.00 -16.27
CA PHE H 61 1.46 6.42 -14.91
C PHE H 61 0.12 7.14 -15.09
N LEU H 62 0.14 8.21 -15.89
CA LEU H 62 -1.06 8.97 -16.18
C LEU H 62 -2.13 8.01 -16.70
N GLU H 63 -1.76 7.15 -17.64
CA GLU H 63 -2.73 6.19 -18.14
C GLU H 63 -3.37 5.47 -16.93
N SER H 64 -2.55 4.92 -16.05
CA SER H 64 -3.10 4.22 -14.91
C SER H 64 -3.97 5.12 -14.05
N VAL H 65 -3.53 6.34 -13.76
CA VAL H 65 -4.35 7.21 -12.92
C VAL H 65 -5.59 7.74 -13.64
N ILE H 66 -5.46 8.14 -14.91
CA ILE H 66 -6.65 8.65 -15.60
C ILE H 66 -7.72 7.57 -15.56
N ARG H 67 -7.38 6.38 -16.02
CA ARG H 67 -8.36 5.30 -16.03
C ARG H 67 -9.21 5.33 -14.78
N ASP H 68 -8.66 4.86 -13.67
CA ASP H 68 -9.40 4.83 -12.41
C ASP H 68 -10.09 6.16 -12.13
N SER H 69 -9.38 7.27 -12.35
CA SER H 69 -9.97 8.57 -12.10
C SER H 69 -11.20 8.81 -12.93
N VAL H 70 -11.21 8.39 -14.18
CA VAL H 70 -12.40 8.61 -14.97
C VAL H 70 -13.52 7.64 -14.58
N THR H 71 -13.17 6.39 -14.27
CA THR H 71 -14.15 5.41 -13.82
C THR H 71 -15.02 6.09 -12.75
N TYR H 72 -14.45 7.11 -12.13
CA TYR H 72 -15.16 7.81 -11.09
C TYR H 72 -16.14 8.79 -11.69
N THR H 73 -15.70 9.55 -12.68
CA THR H 73 -16.58 10.53 -13.32
C THR H 73 -17.75 9.78 -13.92
N GLU H 74 -17.45 8.73 -14.66
CA GLU H 74 -18.51 7.94 -15.28
C GLU H 74 -19.54 7.45 -14.28
N HIS H 75 -19.10 7.15 -13.07
CA HIS H 75 -20.00 6.67 -12.05
C HIS H 75 -20.84 7.81 -11.49
N ALA H 76 -20.26 9.01 -11.47
CA ALA H 76 -20.97 10.16 -10.97
C ALA H 76 -21.95 10.63 -12.04
N LYS H 77 -21.91 9.95 -13.18
CA LYS H 77 -22.76 10.26 -14.30
C LYS H 77 -22.37 11.61 -14.88
N ARG H 78 -21.27 12.16 -14.37
CA ARG H 78 -20.73 13.45 -14.82
C ARG H 78 -19.93 13.26 -16.10
N LYS H 79 -19.50 14.39 -16.68
CA LYS H 79 -18.70 14.38 -17.90
C LYS H 79 -17.64 15.44 -17.72
N THR H 80 -17.27 15.63 -16.46
CA THR H 80 -16.27 16.61 -16.07
C THR H 80 -15.42 16.03 -14.95
N VAL H 81 -14.20 15.62 -15.29
CA VAL H 81 -13.24 15.06 -14.34
C VAL H 81 -12.88 16.11 -13.30
N THR H 82 -13.36 15.93 -12.07
CA THR H 82 -13.08 16.87 -11.00
C THR H 82 -11.73 16.58 -10.42
N SER H 83 -11.33 17.31 -9.38
CA SER H 83 -10.03 17.03 -8.79
C SER H 83 -10.15 15.95 -7.72
N LEU H 84 -11.21 15.97 -6.93
CA LEU H 84 -11.34 14.91 -5.96
C LEU H 84 -11.60 13.65 -6.76
N ASP H 85 -11.49 13.78 -8.07
CA ASP H 85 -11.66 12.66 -8.97
C ASP H 85 -10.25 12.08 -9.15
N VAL H 86 -9.32 12.96 -9.50
CA VAL H 86 -7.93 12.60 -9.70
C VAL H 86 -7.43 12.11 -8.37
N VAL H 87 -7.82 12.82 -7.32
CA VAL H 87 -7.46 12.52 -5.94
C VAL H 87 -7.86 11.13 -5.41
N TYR H 88 -9.14 10.81 -5.45
CA TYR H 88 -9.56 9.50 -4.97
C TYR H 88 -8.86 8.43 -5.80
N ALA H 89 -8.62 8.72 -7.07
CA ALA H 89 -7.97 7.76 -7.93
C ALA H 89 -6.56 7.54 -7.41
N LEU H 90 -5.87 8.63 -7.09
CA LEU H 90 -4.53 8.50 -6.57
C LEU H 90 -4.58 7.72 -5.28
N LYS H 91 -5.33 8.20 -4.30
CA LYS H 91 -5.41 7.49 -3.04
C LYS H 91 -5.57 5.99 -3.24
N ARG H 92 -6.61 5.61 -4.00
CA ARG H 92 -6.92 4.22 -4.32
C ARG H 92 -5.64 3.41 -4.47
N GLN H 93 -4.70 4.02 -5.19
CA GLN H 93 -3.41 3.42 -5.51
C GLN H 93 -2.24 3.60 -4.55
N GLY H 94 -2.46 4.11 -3.36
CA GLY H 94 -1.33 4.25 -2.47
C GLY H 94 -0.67 5.60 -2.56
N ARG H 95 -0.80 6.25 -3.70
CA ARG H 95 -0.22 7.56 -3.86
C ARG H 95 -1.26 8.54 -3.35
N THR H 96 -1.01 9.15 -2.20
CA THR H 96 -1.94 10.09 -1.59
C THR H 96 -1.46 11.50 -1.82
N LEU H 97 -2.38 12.41 -2.15
CA LEU H 97 -2.04 13.79 -2.48
C LEU H 97 -2.70 14.84 -1.62
N TYR H 98 -1.92 15.83 -1.20
CA TYR H 98 -2.42 16.90 -0.37
C TYR H 98 -2.35 18.21 -1.10
N GLY H 99 -3.37 19.05 -0.94
CA GLY H 99 -3.39 20.35 -1.59
C GLY H 99 -4.46 20.52 -2.66
N PHE H 100 -5.43 19.61 -2.71
CA PHE H 100 -6.48 19.68 -3.71
C PHE H 100 -7.84 19.18 -3.23
N GLY H 101 -8.05 19.08 -1.93
CA GLY H 101 -9.34 18.60 -1.48
C GLY H 101 -9.22 17.28 -0.75
N GLY H 102 -10.36 16.71 -0.37
CA GLY H 102 -10.33 15.44 0.35
C GLY H 102 -9.75 15.63 1.74
N LYS I 13 -46.48 -20.98 -2.41
CA LYS I 13 -46.01 -21.98 -1.41
C LYS I 13 -44.55 -22.36 -1.65
N ALA I 14 -44.32 -23.39 -2.47
CA ALA I 14 -42.97 -23.86 -2.77
C ALA I 14 -42.03 -22.70 -3.06
N SER I 15 -40.73 -22.92 -2.90
CA SER I 15 -39.76 -21.86 -3.15
C SER I 15 -38.29 -22.32 -3.18
N GLN I 16 -37.50 -21.68 -4.03
CA GLN I 16 -36.08 -21.97 -4.15
C GLN I 16 -35.32 -20.93 -3.32
N SER I 17 -34.02 -20.85 -3.53
CA SER I 17 -33.15 -19.91 -2.84
C SER I 17 -32.79 -18.78 -3.81
N ARG I 18 -32.40 -17.63 -3.28
CA ARG I 18 -32.03 -16.52 -4.15
C ARG I 18 -30.84 -16.92 -5.02
N SER I 19 -29.99 -17.78 -4.48
CA SER I 19 -28.83 -18.25 -5.20
C SER I 19 -29.36 -19.08 -6.34
N ALA I 20 -30.39 -19.88 -6.03
CA ALA I 20 -31.03 -20.74 -7.01
C ALA I 20 -31.60 -19.90 -8.14
N LYS I 21 -32.21 -18.76 -7.80
CA LYS I 21 -32.80 -17.87 -8.79
C LYS I 21 -31.77 -17.32 -9.77
N ALA I 22 -30.67 -16.81 -9.23
CA ALA I 22 -29.57 -16.23 -10.01
C ALA I 22 -28.66 -17.26 -10.68
N GLY I 23 -28.99 -18.53 -10.53
CA GLY I 23 -28.18 -19.54 -11.15
C GLY I 23 -26.82 -19.59 -10.51
N LEU I 24 -26.79 -19.32 -9.20
CA LEU I 24 -25.54 -19.32 -8.45
C LEU I 24 -25.50 -20.43 -7.41
N THR I 25 -24.28 -20.82 -7.03
CA THR I 25 -24.12 -21.85 -6.04
C THR I 25 -23.37 -21.32 -4.82
N PHE I 26 -23.11 -20.03 -4.80
CA PHE I 26 -22.46 -19.38 -3.65
C PHE I 26 -23.63 -18.71 -2.91
N PRO I 27 -23.60 -18.70 -1.56
CA PRO I 27 -24.67 -18.10 -0.74
C PRO I 27 -25.00 -16.62 -0.93
N VAL I 28 -26.04 -16.34 -1.71
CA VAL I 28 -26.47 -14.97 -1.97
C VAL I 28 -27.02 -14.28 -0.73
N GLY I 29 -27.83 -15.01 0.03
CA GLY I 29 -28.42 -14.44 1.23
C GLY I 29 -27.36 -14.06 2.24
N ARG I 30 -26.35 -14.92 2.36
CA ARG I 30 -25.21 -14.74 3.29
C ARG I 30 -24.41 -13.50 2.92
N VAL I 31 -24.03 -13.42 1.65
CA VAL I 31 -23.28 -12.30 1.14
C VAL I 31 -24.10 -11.05 1.38
N HIS I 32 -25.42 -11.21 1.42
CA HIS I 32 -26.30 -10.07 1.65
C HIS I 32 -26.27 -9.75 3.15
N ARG I 33 -26.19 -10.79 3.96
CA ARG I 33 -26.14 -10.65 5.40
C ARG I 33 -24.86 -9.88 5.76
N LEU I 34 -23.73 -10.45 5.35
CA LEU I 34 -22.41 -9.87 5.60
C LEU I 34 -22.37 -8.43 5.13
N LEU I 35 -22.92 -8.16 3.95
CA LEU I 35 -22.98 -6.81 3.39
C LEU I 35 -23.66 -5.77 4.26
N ARG I 36 -24.78 -6.16 4.85
CA ARG I 36 -25.54 -5.24 5.69
C ARG I 36 -24.80 -4.94 6.99
N ARG I 37 -24.53 -5.99 7.76
CA ARG I 37 -23.84 -5.88 9.04
C ARG I 37 -22.35 -5.61 8.93
N GLY I 38 -21.83 -5.64 7.71
CA GLY I 38 -20.41 -5.39 7.54
C GLY I 38 -20.06 -3.93 7.66
N ASN I 39 -21.06 -3.10 7.95
CA ASN I 39 -20.80 -1.67 8.08
C ASN I 39 -20.08 -1.07 6.87
N TYR I 40 -20.81 -0.93 5.77
CA TYR I 40 -20.26 -0.35 4.54
C TYR I 40 -21.14 0.79 4.08
N ALA I 41 -22.41 0.72 4.46
CA ALA I 41 -23.38 1.77 4.13
C ALA I 41 -24.73 1.44 4.77
N GLN I 42 -25.57 2.47 4.88
CA GLN I 42 -26.88 2.32 5.49
C GLN I 42 -27.72 1.29 4.74
N ARG I 43 -27.80 1.45 3.43
CA ARG I 43 -28.60 0.54 2.64
C ARG I 43 -27.85 -0.41 1.73
N ILE I 44 -28.39 -1.60 1.58
CA ILE I 44 -27.82 -2.58 0.68
C ILE I 44 -28.90 -2.94 -0.35
N GLY I 45 -28.72 -2.46 -1.58
CA GLY I 45 -29.64 -2.74 -2.65
C GLY I 45 -29.85 -4.23 -2.79
N SER I 46 -31.02 -4.59 -3.33
CA SER I 46 -31.42 -5.99 -3.49
C SER I 46 -30.65 -6.79 -4.53
N GLY I 47 -30.09 -6.12 -5.52
CA GLY I 47 -29.35 -6.82 -6.55
C GLY I 47 -27.87 -6.90 -6.24
N ALA I 48 -27.38 -5.92 -5.50
CA ALA I 48 -25.97 -5.85 -5.11
C ALA I 48 -25.38 -7.17 -4.57
N PRO I 49 -26.10 -7.85 -3.67
CA PRO I 49 -25.59 -9.10 -3.13
C PRO I 49 -25.54 -10.19 -4.21
N VAL I 50 -26.50 -10.14 -5.12
CA VAL I 50 -26.58 -11.09 -6.22
C VAL I 50 -25.40 -10.87 -7.15
N TYR I 51 -25.13 -9.60 -7.42
CA TYR I 51 -24.03 -9.22 -8.29
C TYR I 51 -22.70 -9.64 -7.66
N LEU I 52 -22.49 -9.20 -6.41
CA LEU I 52 -21.27 -9.54 -5.71
C LEU I 52 -21.04 -11.05 -5.69
N THR I 53 -22.01 -11.81 -5.22
CA THR I 53 -21.86 -13.26 -5.17
C THR I 53 -21.42 -13.82 -6.51
N ALA I 54 -21.99 -13.29 -7.59
CA ALA I 54 -21.66 -13.73 -8.94
C ALA I 54 -20.16 -13.57 -9.19
N VAL I 55 -19.66 -12.36 -8.93
CA VAL I 55 -18.23 -12.08 -9.08
C VAL I 55 -17.41 -13.12 -8.28
N LEU I 56 -17.63 -13.16 -6.98
CA LEU I 56 -16.93 -14.08 -6.09
C LEU I 56 -16.85 -15.51 -6.60
N GLU I 57 -18.01 -16.09 -6.93
CA GLU I 57 -18.05 -17.47 -7.41
C GLU I 57 -17.21 -17.55 -8.68
N TYR I 58 -17.24 -16.47 -9.45
CA TYR I 58 -16.47 -16.41 -10.67
C TYR I 58 -14.99 -16.64 -10.32
N LEU I 59 -14.39 -15.63 -9.70
CA LEU I 59 -13.00 -15.66 -9.27
C LEU I 59 -12.71 -16.97 -8.59
N ALA I 60 -13.65 -17.38 -7.74
CA ALA I 60 -13.52 -18.65 -7.01
C ALA I 60 -13.24 -19.78 -7.96
N ALA I 61 -13.95 -19.81 -9.07
CA ALA I 61 -13.75 -20.88 -10.01
C ALA I 61 -12.52 -20.59 -10.84
N GLU I 62 -12.23 -19.30 -10.99
CA GLU I 62 -11.07 -18.88 -11.76
C GLU I 62 -9.78 -19.38 -11.12
N ILE I 63 -9.58 -19.13 -9.82
CA ILE I 63 -8.34 -19.63 -9.22
C ILE I 63 -8.42 -21.14 -9.30
N LEU I 64 -9.54 -21.68 -8.83
CA LEU I 64 -9.75 -23.12 -8.83
C LEU I 64 -9.33 -23.83 -10.12
N GLU I 65 -9.80 -23.35 -11.27
CA GLU I 65 -9.47 -23.98 -12.55
C GLU I 65 -7.97 -23.98 -12.71
N LEU I 66 -7.38 -22.79 -12.68
CA LEU I 66 -5.95 -22.61 -12.82
C LEU I 66 -5.16 -23.46 -11.83
N ALA I 67 -5.58 -23.42 -10.59
CA ALA I 67 -4.91 -24.18 -9.55
C ALA I 67 -5.02 -25.66 -9.87
N GLY I 68 -6.12 -26.03 -10.52
CA GLY I 68 -6.34 -27.42 -10.89
C GLY I 68 -5.33 -27.83 -11.92
N ASN I 69 -5.25 -27.05 -12.98
CA ASN I 69 -4.31 -27.33 -14.05
C ASN I 69 -2.93 -27.46 -13.46
N ALA I 70 -2.54 -26.50 -12.65
CA ALA I 70 -1.25 -26.55 -12.02
C ALA I 70 -0.99 -27.96 -11.56
N ALA I 71 -1.95 -28.48 -10.78
CA ALA I 71 -1.89 -29.82 -10.21
C ALA I 71 -1.86 -30.93 -11.23
N ARG I 72 -2.85 -30.95 -12.11
CA ARG I 72 -2.91 -31.99 -13.10
C ARG I 72 -1.65 -32.00 -13.96
N ASP I 73 -1.14 -30.82 -14.29
CA ASP I 73 0.06 -30.78 -15.11
C ASP I 73 1.13 -31.65 -14.49
N ASN I 74 1.07 -31.81 -13.17
CA ASN I 74 2.07 -32.63 -12.49
C ASN I 74 1.54 -34.01 -12.12
N LYS I 75 0.59 -34.52 -12.91
CA LYS I 75 0.01 -35.84 -12.68
C LYS I 75 -0.53 -36.07 -11.27
N LYS I 76 -0.94 -34.99 -10.60
CA LYS I 76 -1.48 -35.11 -9.26
C LYS I 76 -2.95 -34.69 -9.30
N THR I 77 -3.78 -35.26 -8.43
CA THR I 77 -5.20 -34.93 -8.45
C THR I 77 -5.65 -34.02 -7.31
N ARG I 78 -4.83 -33.88 -6.28
CA ARG I 78 -5.22 -33.00 -5.19
C ARG I 78 -4.42 -31.70 -5.14
N ILE I 79 -5.15 -30.60 -5.18
CA ILE I 79 -4.57 -29.27 -5.15
C ILE I 79 -3.97 -28.92 -3.80
N ILE I 80 -2.66 -28.64 -3.78
CA ILE I 80 -2.01 -28.25 -2.54
C ILE I 80 -1.59 -26.82 -2.74
N PRO I 81 -1.24 -26.11 -1.66
CA PRO I 81 -0.85 -24.70 -1.85
C PRO I 81 0.14 -24.41 -2.98
N ARG I 82 1.12 -25.28 -3.18
CA ARG I 82 2.09 -25.07 -4.24
C ARG I 82 1.41 -24.80 -5.57
N HIS I 83 0.37 -25.56 -5.83
CA HIS I 83 -0.38 -25.40 -7.06
C HIS I 83 -0.98 -24.00 -7.10
N LEU I 84 -1.73 -23.60 -6.07
CA LEU I 84 -2.31 -22.26 -6.03
C LEU I 84 -1.25 -21.18 -6.31
N GLN I 85 -0.09 -21.31 -5.69
CA GLN I 85 0.99 -20.36 -5.89
C GLN I 85 1.36 -20.39 -7.36
N LEU I 86 1.98 -21.48 -7.81
CA LEU I 86 2.35 -21.62 -9.21
C LEU I 86 1.26 -21.07 -10.09
N ALA I 87 0.02 -21.33 -9.68
CA ALA I 87 -1.14 -20.87 -10.43
C ALA I 87 -1.21 -19.36 -10.47
N ILE I 88 -1.34 -18.76 -9.29
CA ILE I 88 -1.44 -17.31 -9.17
C ILE I 88 -0.27 -16.59 -9.84
N ARG I 89 0.93 -17.08 -9.58
CA ARG I 89 2.13 -16.46 -10.10
C ARG I 89 2.28 -16.48 -11.61
N ASN I 90 1.80 -17.50 -12.29
CA ASN I 90 1.91 -17.53 -13.75
C ASN I 90 0.78 -16.76 -14.39
N ASP I 91 -0.37 -16.71 -13.73
CA ASP I 91 -1.50 -15.97 -14.28
C ASP I 91 -1.12 -14.53 -14.15
N ASP I 92 -1.20 -13.76 -15.22
CA ASP I 92 -0.85 -12.35 -15.17
C ASP I 92 -1.80 -11.57 -14.25
N GLU I 93 -3.10 -11.69 -14.53
CA GLU I 93 -4.18 -11.00 -13.82
C GLU I 93 -4.24 -11.37 -12.35
N LEU I 94 -4.11 -12.65 -12.04
CA LEU I 94 -4.16 -13.04 -10.63
C LEU I 94 -2.89 -12.58 -9.96
N ASN I 95 -1.77 -12.85 -10.60
CA ASN I 95 -0.53 -12.44 -10.04
C ASN I 95 -0.63 -10.96 -9.68
N LYS I 96 -1.22 -10.12 -10.54
CA LYS I 96 -1.35 -8.70 -10.20
C LYS I 96 -2.34 -8.42 -9.10
N LEU I 97 -3.50 -9.05 -9.16
CA LEU I 97 -4.52 -8.86 -8.15
C LEU I 97 -4.04 -9.32 -6.76
N LEU I 98 -3.20 -10.35 -6.73
CA LEU I 98 -2.70 -10.87 -5.45
C LEU I 98 -1.21 -10.66 -5.22
N GLY I 99 -0.65 -9.60 -5.80
CA GLY I 99 0.77 -9.33 -5.64
C GLY I 99 1.22 -9.09 -4.22
N ASN I 100 0.35 -8.50 -3.40
CA ASN I 100 0.73 -8.24 -2.04
C ASN I 100 0.13 -9.25 -1.11
N VAL I 101 0.00 -10.47 -1.62
CA VAL I 101 -0.52 -11.58 -0.86
C VAL I 101 0.52 -12.68 -0.94
N THR I 102 0.79 -13.31 0.20
CA THR I 102 1.76 -14.38 0.25
C THR I 102 1.00 -15.65 0.62
N ILE I 103 1.26 -16.72 -0.13
CA ILE I 103 0.59 -18.00 0.04
C ILE I 103 1.38 -18.97 0.89
N ALA I 104 0.86 -19.22 2.08
CA ALA I 104 1.48 -20.13 3.04
C ALA I 104 1.81 -21.48 2.45
N GLN I 105 3.07 -21.73 2.19
CA GLN I 105 3.51 -23.01 1.64
C GLN I 105 3.53 -23.07 0.13
N GLY I 106 3.57 -21.91 -0.52
CA GLY I 106 3.58 -21.90 -1.98
C GLY I 106 4.92 -21.92 -2.72
N GLY I 107 6.03 -21.83 -1.99
CA GLY I 107 7.31 -21.82 -2.68
C GLY I 107 7.39 -20.64 -3.64
N VAL I 108 8.28 -20.74 -4.62
CA VAL I 108 8.42 -19.68 -5.61
C VAL I 108 8.60 -20.29 -6.98
N LEU I 109 8.24 -19.55 -8.03
CA LEU I 109 8.42 -20.06 -9.38
C LEU I 109 9.91 -20.29 -9.57
N PRO I 110 10.28 -21.41 -10.20
CA PRO I 110 11.70 -21.65 -10.39
C PRO I 110 12.22 -20.64 -11.40
N ASN I 111 13.38 -20.07 -11.12
CA ASN I 111 13.94 -19.08 -12.00
C ASN I 111 15.36 -18.76 -11.60
N ILE I 112 16.31 -19.05 -12.49
CA ILE I 112 17.72 -18.80 -12.22
C ILE I 112 18.26 -17.82 -13.26
N HIS I 113 18.65 -16.63 -12.82
CA HIS I 113 19.17 -15.58 -13.71
C HIS I 113 20.29 -16.06 -14.65
N GLN I 114 20.27 -15.61 -15.91
CA GLN I 114 21.27 -16.01 -16.90
C GLN I 114 22.73 -15.85 -16.49
N ASN I 115 23.06 -14.72 -15.88
CA ASN I 115 24.44 -14.45 -15.47
C ASN I 115 24.96 -15.42 -14.43
N LEU I 116 24.13 -16.37 -14.03
CA LEU I 116 24.53 -17.35 -13.04
C LEU I 116 24.71 -18.74 -13.66
N LEU I 117 24.26 -18.89 -14.90
CA LEU I 117 24.37 -20.17 -15.62
C LEU I 117 25.45 -20.04 -16.68
N PRO I 118 26.09 -21.17 -17.05
CA PRO I 118 27.13 -21.16 -18.08
C PRO I 118 26.55 -20.93 -19.50
N LYS I 119 25.52 -21.70 -19.88
CA LYS I 119 24.85 -21.55 -21.17
C LYS I 119 23.45 -22.18 -21.14
N LYS I 120 23.33 -23.40 -21.67
CA LYS I 120 22.05 -24.13 -21.71
C LYS I 120 20.77 -23.29 -21.79
N VAL J 35 -19.86 -23.41 19.37
CA VAL J 35 -20.30 -22.23 18.57
C VAL J 35 -20.05 -22.52 17.09
N ARG J 36 -20.97 -22.09 16.24
CA ARG J 36 -20.86 -22.34 14.81
C ARG J 36 -20.04 -21.30 14.06
N LYS J 37 -19.26 -21.78 13.08
CA LYS J 37 -18.45 -20.91 12.25
C LYS J 37 -18.67 -21.38 10.82
N GLU J 38 -18.92 -20.44 9.92
CA GLU J 38 -19.15 -20.79 8.52
C GLU J 38 -18.09 -20.21 7.61
N THR J 39 -17.84 -20.90 6.49
CA THR J 39 -16.86 -20.50 5.49
C THR J 39 -17.51 -20.62 4.11
N TYR J 40 -16.70 -20.50 3.07
CA TYR J 40 -17.22 -20.65 1.72
C TYR J 40 -16.84 -22.01 1.20
N SER J 41 -16.14 -22.79 2.04
CA SER J 41 -15.66 -24.14 1.69
C SER J 41 -16.59 -25.05 0.92
N SER J 42 -17.73 -25.40 1.52
CA SER J 42 -18.70 -26.26 0.85
C SER J 42 -18.81 -25.81 -0.60
N TYR J 43 -19.16 -24.55 -0.77
CA TYR J 43 -19.28 -23.95 -2.08
C TYR J 43 -17.97 -24.12 -2.87
N ILE J 44 -16.89 -23.47 -2.42
CA ILE J 44 -15.63 -23.60 -3.14
C ILE J 44 -15.54 -24.99 -3.70
N TYR J 45 -15.77 -25.98 -2.85
CA TYR J 45 -15.69 -27.40 -3.21
C TYR J 45 -16.67 -27.83 -4.27
N LYS J 46 -17.94 -27.45 -4.12
CA LYS J 46 -18.93 -27.82 -5.12
C LYS J 46 -18.56 -27.21 -6.46
N VAL J 47 -18.14 -25.96 -6.45
CA VAL J 47 -17.72 -25.31 -7.68
C VAL J 47 -16.51 -26.05 -8.28
N LEU J 48 -15.56 -26.46 -7.46
CA LEU J 48 -14.42 -27.19 -8.00
C LEU J 48 -14.95 -28.41 -8.71
N LYS J 49 -15.67 -29.22 -7.96
CA LYS J 49 -16.23 -30.47 -8.45
C LYS J 49 -17.13 -30.35 -9.67
N GLN J 50 -17.94 -29.29 -9.73
CA GLN J 50 -18.83 -29.10 -10.89
C GLN J 50 -18.03 -29.37 -12.15
N THR J 51 -17.05 -28.53 -12.44
CA THR J 51 -16.25 -28.69 -13.63
C THR J 51 -15.25 -29.82 -13.65
N HIS J 52 -14.42 -29.94 -12.64
CA HIS J 52 -13.47 -31.03 -12.69
C HIS J 52 -13.67 -31.97 -11.50
N PRO J 53 -14.49 -33.01 -11.69
CA PRO J 53 -14.88 -34.06 -10.75
C PRO J 53 -13.79 -34.92 -10.10
N ASP J 54 -12.83 -35.39 -10.89
CA ASP J 54 -11.77 -36.19 -10.30
C ASP J 54 -10.55 -35.31 -10.04
N THR J 55 -10.74 -34.35 -9.13
CA THR J 55 -9.73 -33.38 -8.68
C THR J 55 -10.19 -32.99 -7.27
N GLY J 56 -9.27 -33.00 -6.32
CA GLY J 56 -9.62 -32.66 -4.95
C GLY J 56 -8.86 -31.45 -4.42
N ILE J 57 -9.07 -31.14 -3.16
CA ILE J 57 -8.43 -29.98 -2.55
C ILE J 57 -7.96 -30.18 -1.11
N SER J 58 -6.67 -30.00 -0.88
CA SER J 58 -6.05 -30.13 0.45
C SER J 58 -6.61 -29.15 1.48
N GLN J 59 -6.40 -29.49 2.75
CA GLN J 59 -6.85 -28.64 3.84
C GLN J 59 -6.37 -27.20 3.72
N LYS J 60 -5.06 -26.97 3.69
CA LYS J 60 -4.61 -25.60 3.61
C LYS J 60 -5.22 -24.91 2.40
N SER J 61 -5.17 -25.57 1.25
CA SER J 61 -5.71 -25.02 0.00
C SER J 61 -7.08 -24.40 0.22
N MET J 62 -7.97 -25.14 0.89
CA MET J 62 -9.32 -24.66 1.16
C MET J 62 -9.29 -23.46 2.11
N SER J 63 -8.32 -23.46 3.02
CA SER J 63 -8.19 -22.36 3.97
C SER J 63 -7.75 -21.12 3.23
N ILE J 64 -6.92 -21.33 2.22
CA ILE J 64 -6.39 -20.26 1.39
C ILE J 64 -7.46 -19.71 0.45
N LEU J 65 -8.17 -20.59 -0.22
CA LEU J 65 -9.18 -20.14 -1.15
C LEU J 65 -10.27 -19.42 -0.36
N ASN J 66 -10.40 -19.74 0.92
CA ASN J 66 -11.43 -19.07 1.71
C ASN J 66 -11.00 -17.64 2.01
N SER J 67 -9.74 -17.46 2.40
CA SER J 67 -9.23 -16.13 2.68
C SER J 67 -9.26 -15.28 1.41
N PHE J 68 -9.02 -15.92 0.26
CA PHE J 68 -9.03 -15.22 -1.02
C PHE J 68 -10.40 -14.60 -1.24
N VAL J 69 -11.45 -15.40 -1.05
CA VAL J 69 -12.82 -14.91 -1.22
C VAL J 69 -13.11 -13.76 -0.26
N ASN J 70 -12.84 -13.99 1.02
CA ASN J 70 -13.05 -12.95 2.02
C ASN J 70 -12.20 -11.74 1.67
N ASP J 71 -10.96 -11.99 1.25
CA ASP J 71 -10.05 -10.92 0.93
C ASP J 71 -10.71 -10.01 -0.07
N ILE J 72 -11.11 -10.61 -1.18
CA ILE J 72 -11.74 -9.85 -2.24
C ILE J 72 -13.11 -9.31 -1.84
N PHE J 73 -13.88 -10.11 -1.13
CA PHE J 73 -15.18 -9.65 -0.71
C PHE J 73 -15.01 -8.26 -0.12
N GLU J 74 -14.11 -8.15 0.85
CA GLU J 74 -13.88 -6.87 1.50
C GLU J 74 -13.39 -5.85 0.49
N ARG J 75 -12.39 -6.24 -0.28
CA ARG J 75 -11.81 -5.35 -1.28
C ARG J 75 -12.95 -4.61 -1.98
N ILE J 76 -13.85 -5.40 -2.58
CA ILE J 76 -15.00 -4.91 -3.33
C ILE J 76 -16.01 -4.11 -2.49
N ALA J 77 -16.57 -4.76 -1.48
CA ALA J 77 -17.55 -4.09 -0.62
C ALA J 77 -16.99 -2.77 -0.07
N THR J 78 -15.70 -2.69 0.12
CA THR J 78 -15.14 -1.45 0.63
C THR J 78 -15.07 -0.36 -0.45
N GLU J 79 -14.58 -0.69 -1.64
CA GLU J 79 -14.50 0.36 -2.65
C GLU J 79 -15.90 0.87 -2.89
N ALA J 80 -16.85 -0.06 -2.84
CA ALA J 80 -18.25 0.26 -3.05
C ALA J 80 -18.71 1.25 -1.99
N SER J 81 -18.39 0.91 -0.75
CA SER J 81 -18.74 1.77 0.35
C SER J 81 -18.27 3.19 0.07
N LYS J 82 -17.02 3.32 -0.39
CA LYS J 82 -16.46 4.64 -0.66
C LYS J 82 -17.14 5.33 -1.82
N LEU J 83 -17.52 4.54 -2.82
CA LEU J 83 -18.21 5.10 -3.97
C LEU J 83 -19.45 5.86 -3.52
N ALA J 84 -20.42 5.09 -3.03
CA ALA J 84 -21.67 5.64 -2.53
C ALA J 84 -21.35 6.83 -1.65
N ALA J 85 -20.54 6.60 -0.64
CA ALA J 85 -20.15 7.67 0.24
C ALA J 85 -19.78 8.90 -0.59
N TYR J 86 -18.92 8.72 -1.58
CA TYR J 86 -18.49 9.82 -2.42
C TYR J 86 -19.62 10.54 -3.11
N ASN J 87 -20.71 9.84 -3.35
CA ASN J 87 -21.81 10.48 -4.06
C ASN J 87 -23.07 10.65 -3.21
N LYS J 88 -22.86 11.17 -2.01
CA LYS J 88 -23.92 11.44 -1.07
C LYS J 88 -25.10 10.49 -1.22
N LYS J 89 -24.80 9.24 -1.53
CA LYS J 89 -25.82 8.21 -1.69
C LYS J 89 -25.76 7.26 -0.48
N SER J 90 -26.90 7.00 0.15
CA SER J 90 -26.94 6.15 1.33
C SER J 90 -27.10 4.68 1.01
N THR J 91 -26.86 4.29 -0.25
CA THR J 91 -27.06 2.89 -0.60
C THR J 91 -26.01 2.25 -1.48
N ILE J 92 -25.89 0.93 -1.37
CA ILE J 92 -24.97 0.14 -2.19
C ILE J 92 -25.92 -0.56 -3.17
N SER J 93 -25.91 -0.13 -4.43
CA SER J 93 -26.76 -0.77 -5.44
C SER J 93 -25.90 -1.83 -6.10
N ALA J 94 -26.24 -2.20 -7.33
CA ALA J 94 -25.41 -3.19 -8.01
C ALA J 94 -24.43 -2.35 -8.80
N ARG J 95 -24.85 -1.15 -9.14
CA ARG J 95 -24.00 -0.26 -9.89
C ARG J 95 -22.70 -0.01 -9.11
N GLU J 96 -22.80 0.08 -7.77
CA GLU J 96 -21.61 0.29 -6.95
C GLU J 96 -20.75 -0.97 -7.02
N ILE J 97 -21.33 -2.10 -6.64
CA ILE J 97 -20.63 -3.37 -6.71
C ILE J 97 -20.00 -3.48 -8.08
N GLN J 98 -20.60 -2.83 -9.07
CA GLN J 98 -20.07 -2.88 -10.43
C GLN J 98 -18.78 -2.07 -10.57
N THR J 99 -18.88 -0.76 -10.44
CA THR J 99 -17.72 0.12 -10.54
C THR J 99 -16.58 -0.41 -9.68
N ALA J 100 -16.93 -0.83 -8.46
CA ALA J 100 -15.92 -1.39 -7.58
C ALA J 100 -15.22 -2.47 -8.39
N VAL J 101 -15.93 -3.56 -8.63
CA VAL J 101 -15.40 -4.68 -9.40
C VAL J 101 -14.51 -4.17 -10.54
N ARG J 102 -14.95 -3.09 -11.17
CA ARG J 102 -14.23 -2.50 -12.27
C ARG J 102 -12.89 -1.94 -11.80
N LEU J 103 -12.89 -1.26 -10.66
CA LEU J 103 -11.65 -0.70 -10.13
C LEU J 103 -10.70 -1.77 -9.58
N ILE J 104 -11.22 -2.62 -8.70
CA ILE J 104 -10.44 -3.68 -8.07
C ILE J 104 -9.80 -4.72 -8.99
N LEU J 105 -10.61 -5.34 -9.84
CA LEU J 105 -10.06 -6.37 -10.72
C LEU J 105 -9.36 -5.83 -11.97
N PRO J 106 -8.35 -6.56 -12.46
CA PRO J 106 -7.57 -6.22 -13.65
C PRO J 106 -8.34 -6.45 -14.95
N GLY J 107 -7.77 -5.99 -16.06
CA GLY J 107 -8.38 -6.11 -17.37
C GLY J 107 -9.34 -7.23 -17.73
N GLU J 108 -8.84 -8.25 -18.42
CA GLU J 108 -9.68 -9.36 -18.87
C GLU J 108 -10.50 -10.01 -17.74
N LEU J 109 -10.06 -9.84 -16.50
CA LEU J 109 -10.72 -10.43 -15.35
C LEU J 109 -11.83 -9.53 -14.80
N ALA J 110 -11.75 -8.25 -15.11
CA ALA J 110 -12.75 -7.30 -14.65
C ALA J 110 -13.89 -7.46 -15.63
N LYS J 111 -13.50 -7.83 -16.85
CA LYS J 111 -14.43 -8.03 -17.94
C LYS J 111 -15.30 -9.19 -17.50
N HIS J 112 -14.73 -10.38 -17.47
CA HIS J 112 -15.49 -11.56 -17.10
C HIS J 112 -16.29 -11.43 -15.82
N ALA J 113 -15.74 -10.75 -14.81
CA ALA J 113 -16.47 -10.60 -13.56
C ALA J 113 -17.78 -9.91 -13.89
N VAL J 114 -17.70 -8.63 -14.25
CA VAL J 114 -18.86 -7.82 -14.60
C VAL J 114 -19.86 -8.56 -15.46
N SER J 115 -19.35 -9.36 -16.40
CA SER J 115 -20.23 -10.14 -17.23
C SER J 115 -21.01 -10.95 -16.19
N GLU J 116 -20.35 -11.96 -15.59
CA GLU J 116 -20.96 -12.83 -14.58
C GLU J 116 -21.85 -12.08 -13.60
N GLY J 117 -21.49 -10.85 -13.27
CA GLY J 117 -22.31 -10.10 -12.34
C GLY J 117 -23.66 -9.78 -12.96
N THR J 118 -23.62 -9.03 -14.05
CA THR J 118 -24.84 -8.64 -14.73
C THR J 118 -25.69 -9.80 -15.23
N ARG J 119 -25.09 -10.97 -15.48
CA ARG J 119 -25.90 -12.11 -15.90
C ARG J 119 -26.72 -12.49 -14.67
N ALA J 120 -26.02 -13.01 -13.67
CA ALA J 120 -26.66 -13.42 -12.43
C ALA J 120 -27.79 -12.50 -12.00
N VAL J 121 -27.62 -11.20 -12.17
CA VAL J 121 -28.69 -10.31 -11.74
C VAL J 121 -29.87 -10.35 -12.68
N THR J 122 -29.61 -10.32 -13.97
CA THR J 122 -30.70 -10.36 -14.93
C THR J 122 -31.47 -11.65 -14.73
N LYS J 123 -30.75 -12.77 -14.67
CA LYS J 123 -31.37 -14.08 -14.47
C LYS J 123 -32.04 -14.13 -13.12
N TYR J 124 -31.87 -13.07 -12.34
CA TYR J 124 -32.49 -13.00 -11.04
C TYR J 124 -33.74 -12.14 -11.10
N SER J 125 -33.81 -11.24 -12.07
CA SER J 125 -35.00 -10.41 -12.18
C SER J 125 -36.13 -11.16 -12.84
N SER J 126 -35.96 -12.46 -13.02
CA SER J 126 -37.01 -13.28 -13.57
C SER J 126 -37.76 -13.61 -12.28
N SER J 127 -38.05 -12.56 -11.52
CA SER J 127 -38.74 -12.68 -10.23
C SER J 127 -40.19 -13.09 -10.42
N THR J 128 -40.39 -14.09 -11.27
CA THR J 128 -41.72 -14.63 -11.55
C THR J 128 -41.61 -16.15 -11.54
N GLN J 129 -42.05 -16.81 -12.60
CA GLN J 129 -41.98 -18.26 -12.65
C GLN J 129 -40.53 -18.80 -12.63
N ALA J 130 -39.89 -18.85 -13.80
CA ALA J 130 -38.51 -19.34 -13.91
C ALA J 130 -38.38 -20.85 -13.60
#